data_1G9G
#
_entry.id   1G9G
#
_cell.length_a   61.530
_cell.length_b   84.770
_cell.length_c   122.120
_cell.angle_alpha   90.00
_cell.angle_beta   90.00
_cell.angle_gamma   90.00
#
_symmetry.space_group_name_H-M   'P 21 21 21'
#
loop_
_entity.id
_entity.type
_entity.pdbx_description
1 polymer 'CELLULASE CEL48F'
2 non-polymer 'CALCIUM ION'
3 non-polymer 'MAGNESIUM ION'
4 water water
#
_entity_poly.entity_id   1
_entity_poly.type   'polypeptide(L)'
_entity_poly.pdbx_seq_one_letter_code
;ASSPANKVYQDRFESMYSKIKDPANGYFSEQGIPYHSIETLMVEAPDYGHVTTSEAMSYYMWLEAMHGRFSGDFTGFDKS
WSVTEQYLIPTEKDQPNTSMSRYDANKPATYAPEFQDPSKYPSPLDTSQPVGRDPINSQLTSAYGTSMLYGMHWILDVDN
WYGFGARADGTSKPSYINTFQRGEQESTWETIPQPCWDEHKFGGQYGFLDLFTKDTGTPAKQFKYTNAPDADARAVQATY
WADQWAKEQGKSVSTSVGKATKMGDYLRYSFFDKYFRKIGQPSQAGTGYDAAHYLLSWYYAWGGGIDSTWSWIIGSSHNH
FGYQNPFAAWVLSTDANFKPKSSNGASDWAKSLDRQLEFYQWLQSAEGAIAGGATNSWNGRYEAVPSGTSTFYGMGYVEN
PVYADPGSNTWFGMQVWSMQRVAELYYKTGDARAKKLLDKWAKWINGEIKFNADGTFQIPSTIDWEGQPDTWNPTQGYTG
NANLHVKVVNYGTDLGCASSLANTLTYYAAKSGDETSRQNAQKLLDAMWNNYSDSKGISTVEQRGDYHRFLDQEVFVPAG
WTGKMPNGDVIKSGVKFIDIRSKYKQDPEWQTMVAALQAGQVPTQRLHRFWAQSEFAVANGVYAILFPD
;
_entity_poly.pdbx_strand_id   A
#
# COMPACT_ATOMS: atom_id res chain seq x y z
N ALA A 1 18.75 2.97 -29.17
CA ALA A 1 17.50 2.39 -29.76
C ALA A 1 16.99 1.24 -28.90
N SER A 2 15.66 1.18 -28.74
CA SER A 2 15.04 0.12 -27.95
C SER A 2 15.08 -1.20 -28.69
N SER A 3 15.13 -2.30 -27.93
CA SER A 3 15.15 -3.64 -28.51
C SER A 3 13.75 -3.98 -29.03
N PRO A 4 13.66 -4.91 -29.99
CA PRO A 4 12.35 -5.30 -30.56
C PRO A 4 11.48 -6.03 -29.55
N ALA A 5 10.19 -5.74 -29.57
CA ALA A 5 9.23 -6.37 -28.67
C ALA A 5 8.24 -7.23 -29.45
N ASN A 6 7.68 -8.23 -28.77
CA ASN A 6 6.71 -9.13 -29.38
C ASN A 6 5.50 -8.31 -29.81
N LYS A 7 5.27 -8.25 -31.11
CA LYS A 7 4.17 -7.49 -31.70
C LYS A 7 2.79 -7.78 -31.12
N VAL A 8 2.45 -9.05 -30.96
CA VAL A 8 1.14 -9.44 -30.43
C VAL A 8 0.85 -8.85 -29.05
N TYR A 9 1.78 -9.02 -28.13
CA TYR A 9 1.58 -8.52 -26.77
C TYR A 9 1.74 -7.01 -26.66
N GLN A 10 2.50 -6.41 -27.56
CA GLN A 10 2.66 -4.96 -27.53
C GLN A 10 1.31 -4.34 -27.91
N ASP A 11 0.65 -4.91 -28.93
CA ASP A 11 -0.65 -4.41 -29.36
C ASP A 11 -1.66 -4.54 -28.23
N ARG A 12 -1.53 -5.61 -27.44
CA ARG A 12 -2.45 -5.81 -26.32
C ARG A 12 -2.23 -4.74 -25.27
N PHE A 13 -0.97 -4.33 -25.06
CA PHE A 13 -0.70 -3.27 -24.10
C PHE A 13 -1.31 -1.96 -24.61
N GLU A 14 -1.03 -1.65 -25.86
CA GLU A 14 -1.52 -0.42 -26.47
C GLU A 14 -3.05 -0.33 -26.47
N SER A 15 -3.71 -1.47 -26.66
CA SER A 15 -5.17 -1.51 -26.64
C SER A 15 -5.69 -1.23 -25.23
N MET A 16 -5.05 -1.84 -24.23
CA MET A 16 -5.43 -1.64 -22.84
C MET A 16 -5.17 -0.20 -22.42
N TYR A 17 -4.04 0.34 -22.87
CA TYR A 17 -3.69 1.72 -22.54
C TYR A 17 -4.78 2.66 -23.07
N SER A 18 -5.25 2.40 -24.29
CA SER A 18 -6.28 3.25 -24.89
C SER A 18 -7.60 3.18 -24.14
N LYS A 19 -7.93 1.98 -23.64
CA LYS A 19 -9.17 1.82 -22.89
C LYS A 19 -9.08 2.52 -21.54
N ILE A 20 -7.92 2.45 -20.91
CA ILE A 20 -7.71 3.08 -19.61
C ILE A 20 -7.71 4.61 -19.70
N LYS A 21 -7.15 5.15 -20.78
CA LYS A 21 -7.08 6.61 -20.95
C LYS A 21 -8.30 7.19 -21.66
N ASP A 22 -9.17 6.32 -22.16
CA ASP A 22 -10.39 6.74 -22.86
C ASP A 22 -11.32 7.56 -21.97
N PRO A 23 -11.48 8.86 -22.26
CA PRO A 23 -12.34 9.74 -21.47
C PRO A 23 -13.74 9.18 -21.24
N ALA A 24 -14.23 8.42 -22.22
CA ALA A 24 -15.55 7.82 -22.15
C ALA A 24 -15.67 6.67 -21.15
N ASN A 25 -14.54 6.11 -20.72
CA ASN A 25 -14.58 4.99 -19.78
C ASN A 25 -14.61 5.42 -18.31
N GLY A 26 -14.22 6.66 -18.04
CA GLY A 26 -14.26 7.18 -16.69
C GLY A 26 -13.31 6.66 -15.62
N TYR A 27 -12.08 6.34 -15.98
CA TYR A 27 -11.12 5.85 -15.00
C TYR A 27 -10.52 7.02 -14.22
N PHE A 28 -10.54 8.22 -14.83
CA PHE A 28 -9.99 9.41 -14.19
C PHE A 28 -11.00 10.52 -13.91
N SER A 29 -10.71 11.34 -12.90
CA SER A 29 -11.57 12.46 -12.55
C SER A 29 -11.25 13.60 -13.51
N GLU A 30 -12.01 14.70 -13.42
CA GLU A 30 -11.79 15.85 -14.29
C GLU A 30 -10.41 16.45 -14.07
N GLN A 31 -9.86 16.25 -12.88
CA GLN A 31 -8.54 16.78 -12.54
C GLN A 31 -7.39 15.85 -12.93
N GLY A 32 -7.72 14.74 -13.59
CA GLY A 32 -6.69 13.80 -14.04
C GLY A 32 -6.19 12.80 -13.02
N ILE A 33 -6.95 12.59 -11.96
CA ILE A 33 -6.58 11.66 -10.90
C ILE A 33 -7.30 10.33 -11.11
N PRO A 34 -6.58 9.21 -11.10
CA PRO A 34 -7.28 7.93 -11.31
C PRO A 34 -8.09 7.55 -10.07
N TYR A 35 -9.27 6.99 -10.28
CA TYR A 35 -10.12 6.53 -9.18
C TYR A 35 -9.68 5.12 -8.81
N HIS A 36 -10.14 4.62 -7.66
CA HIS A 36 -9.80 3.25 -7.28
C HIS A 36 -10.45 2.30 -8.29
N SER A 37 -11.68 2.61 -8.67
CA SER A 37 -12.41 1.80 -9.64
C SER A 37 -13.43 2.66 -10.38
N ILE A 38 -13.86 2.24 -11.56
CA ILE A 38 -14.85 2.98 -12.32
C ILE A 38 -16.14 2.99 -11.50
N GLU A 39 -16.52 1.81 -11.02
CA GLU A 39 -17.73 1.64 -10.23
C GLU A 39 -17.60 2.34 -8.88
N THR A 40 -18.67 2.95 -8.42
CA THR A 40 -18.67 3.67 -7.14
C THR A 40 -19.03 2.83 -5.92
N LEU A 41 -19.98 1.90 -6.06
CA LEU A 41 -20.38 1.04 -4.94
C LEU A 41 -19.22 0.08 -4.80
N MET A 42 -18.23 0.47 -4.01
N MET A 42 -18.24 0.46 -3.99
CA MET A 42 -17.02 -0.32 -3.84
CA MET A 42 -17.03 -0.33 -3.83
C MET A 42 -16.46 -0.21 -2.43
C MET A 42 -16.45 -0.20 -2.43
N VAL A 43 -16.23 -1.35 -1.79
CA VAL A 43 -15.67 -1.38 -0.45
C VAL A 43 -14.60 -2.47 -0.29
N GLU A 44 -13.36 -2.02 -0.14
N GLU A 44 -13.36 -2.05 -0.05
CA GLU A 44 -12.20 -2.88 0.05
CA GLU A 44 -12.24 -2.96 0.21
C GLU A 44 -11.33 -2.12 1.02
C GLU A 44 -11.26 -2.18 1.10
N ALA A 45 -10.14 -1.70 0.57
CA ALA A 45 -9.24 -0.92 1.42
C ALA A 45 -9.98 0.42 1.53
N PRO A 46 -10.34 1.02 0.39
CA PRO A 46 -11.07 2.30 0.43
C PRO A 46 -12.55 1.91 0.58
N ASP A 47 -13.40 2.79 1.10
CA ASP A 47 -14.82 2.45 1.26
C ASP A 47 -15.77 3.10 0.26
N TYR A 48 -15.20 3.64 -0.82
CA TYR A 48 -15.98 4.28 -1.88
C TYR A 48 -15.14 4.17 -3.14
N GLY A 49 -15.79 3.81 -4.25
CA GLY A 49 -15.06 3.63 -5.50
C GLY A 49 -14.31 4.84 -6.04
N HIS A 50 -14.81 6.05 -5.80
CA HIS A 50 -14.14 7.23 -6.32
C HIS A 50 -13.17 7.92 -5.38
N VAL A 51 -12.74 7.18 -4.37
N VAL A 51 -12.75 7.19 -4.36
CA VAL A 51 -11.74 7.62 -3.41
CA VAL A 51 -11.74 7.72 -3.46
C VAL A 51 -10.52 6.94 -4.01
C VAL A 51 -10.56 7.05 -4.15
N THR A 52 -9.35 7.57 -3.98
CA THR A 52 -8.19 6.95 -4.58
C THR A 52 -7.08 6.75 -3.57
N THR A 53 -6.06 5.99 -3.94
CA THR A 53 -4.94 5.71 -3.03
C THR A 53 -3.60 5.97 -3.70
N SER A 54 -2.54 6.06 -2.90
CA SER A 54 -1.21 6.28 -3.45
C SER A 54 -0.84 5.05 -4.28
N GLU A 55 -1.45 3.91 -3.97
N GLU A 55 -1.46 3.93 -3.96
CA GLU A 55 -1.18 2.69 -4.73
CA GLU A 55 -1.22 2.68 -4.68
C GLU A 55 -1.56 2.93 -6.18
C GLU A 55 -1.60 2.86 -6.16
N ALA A 56 -2.77 3.46 -6.38
CA ALA A 56 -3.27 3.72 -7.71
C ALA A 56 -2.33 4.67 -8.45
N MET A 57 -1.86 5.71 -7.76
CA MET A 57 -0.95 6.67 -8.40
C MET A 57 0.33 6.00 -8.88
N SER A 58 0.88 5.10 -8.07
CA SER A 58 2.11 4.43 -8.45
C SER A 58 1.88 3.50 -9.63
N TYR A 59 0.68 2.95 -9.73
CA TYR A 59 0.36 2.08 -10.86
C TYR A 59 0.17 2.92 -12.12
N TYR A 60 -0.31 4.15 -11.91
CA TYR A 60 -0.51 5.09 -13.01
C TYR A 60 0.86 5.44 -13.60
N MET A 61 1.85 5.59 -12.73
CA MET A 61 3.22 5.90 -13.17
C MET A 61 3.81 4.74 -13.97
N TRP A 62 3.60 3.52 -13.46
CA TRP A 62 4.10 2.32 -14.10
C TRP A 62 3.50 2.19 -15.50
N LEU A 63 2.19 2.43 -15.59
CA LEU A 63 1.48 2.35 -16.87
C LEU A 63 2.06 3.36 -17.88
N GLU A 64 2.22 4.61 -17.46
CA GLU A 64 2.75 5.64 -18.34
C GLU A 64 4.20 5.39 -18.75
N ALA A 65 4.97 4.76 -17.88
CA ALA A 65 6.37 4.46 -18.18
C ALA A 65 6.41 3.45 -19.33
N MET A 66 5.56 2.43 -19.26
CA MET A 66 5.47 1.39 -20.28
C MET A 66 4.98 1.99 -21.60
N HIS A 67 4.10 2.96 -21.51
CA HIS A 67 3.58 3.63 -22.70
C HIS A 67 4.73 4.38 -23.37
N GLY A 68 5.61 4.96 -22.55
CA GLY A 68 6.75 5.68 -23.08
C GLY A 68 7.69 4.73 -23.82
N ARG A 69 7.83 3.52 -23.29
CA ARG A 69 8.69 2.50 -23.88
C ARG A 69 8.28 2.14 -25.30
N PHE A 70 6.97 2.02 -25.53
CA PHE A 70 6.47 1.67 -26.85
C PHE A 70 6.12 2.83 -27.76
N SER A 71 5.82 4.00 -27.20
CA SER A 71 5.45 5.14 -28.04
C SER A 71 6.58 6.14 -28.23
N GLY A 72 7.53 6.15 -27.30
CA GLY A 72 8.63 7.09 -27.39
C GLY A 72 8.25 8.42 -26.75
N ASP A 73 6.99 8.53 -26.31
CA ASP A 73 6.48 9.74 -25.68
C ASP A 73 6.36 9.54 -24.17
N PHE A 74 7.12 10.32 -23.40
CA PHE A 74 7.10 10.21 -21.95
C PHE A 74 6.41 11.37 -21.25
N THR A 75 5.71 12.21 -22.00
CA THR A 75 5.03 13.34 -21.39
C THR A 75 3.94 12.83 -20.46
N GLY A 76 3.37 11.67 -20.80
CA GLY A 76 2.34 11.10 -19.96
C GLY A 76 2.92 10.68 -18.61
N PHE A 77 4.16 10.19 -18.63
CA PHE A 77 4.83 9.79 -17.40
C PHE A 77 5.14 10.99 -16.54
N ASP A 78 5.67 12.06 -17.16
CA ASP A 78 5.97 13.27 -16.40
C ASP A 78 4.69 13.86 -15.82
N LYS A 79 3.59 13.71 -16.53
CA LYS A 79 2.32 14.24 -16.05
C LYS A 79 1.83 13.47 -14.82
N SER A 80 2.05 12.15 -14.80
CA SER A 80 1.61 11.37 -13.66
C SER A 80 2.33 11.86 -12.40
N TRP A 81 3.58 12.27 -12.54
CA TRP A 81 4.34 12.80 -11.42
C TRP A 81 3.84 14.19 -11.01
N SER A 82 3.44 14.98 -12.00
CA SER A 82 2.93 16.32 -11.72
C SER A 82 1.61 16.25 -10.95
N VAL A 83 0.75 15.31 -11.32
CA VAL A 83 -0.53 15.14 -10.63
C VAL A 83 -0.26 14.63 -9.21
N THR A 84 0.70 13.72 -9.07
CA THR A 84 1.04 13.18 -7.76
C THR A 84 1.50 14.27 -6.81
N GLU A 85 2.45 15.08 -7.25
CA GLU A 85 2.98 16.15 -6.43
C GLU A 85 1.94 17.22 -6.10
N GLN A 86 1.03 17.47 -7.03
CA GLN A 86 0.01 18.48 -6.82
C GLN A 86 -1.12 18.05 -5.90
N TYR A 87 -1.51 16.78 -5.98
CA TYR A 87 -2.63 16.28 -5.19
C TYR A 87 -2.45 15.23 -4.10
N LEU A 88 -1.33 14.50 -4.12
N LEU A 88 -1.33 14.50 -4.13
CA LEU A 88 -1.13 13.47 -3.10
CA LEU A 88 -1.11 13.45 -3.13
C LEU A 88 0.02 13.72 -2.13
C LEU A 88 0.03 13.71 -2.15
N ILE A 89 0.90 14.66 -2.47
CA ILE A 89 2.02 14.99 -1.57
C ILE A 89 1.59 16.34 -0.99
N PRO A 90 1.28 16.38 0.32
CA PRO A 90 0.85 17.63 0.96
C PRO A 90 1.74 18.81 0.64
N THR A 91 1.12 19.88 0.14
CA THR A 91 1.85 21.09 -0.22
C THR A 91 2.21 21.91 1.01
N GLU A 92 2.88 23.04 0.77
CA GLU A 92 3.29 23.95 1.83
C GLU A 92 2.08 24.43 2.63
N LYS A 93 0.92 24.47 1.97
CA LYS A 93 -0.31 24.90 2.63
C LYS A 93 -0.93 23.79 3.47
N ASP A 94 -0.66 22.54 3.10
CA ASP A 94 -1.21 21.38 3.80
C ASP A 94 -0.41 20.90 4.99
N GLN A 95 0.88 21.21 4.99
CA GLN A 95 1.77 20.85 6.09
C GLN A 95 2.69 22.04 6.32
N PRO A 96 2.12 23.16 6.81
CA PRO A 96 2.85 24.40 7.09
C PRO A 96 4.22 24.19 7.73
N ASN A 97 5.25 24.72 7.08
CA ASN A 97 6.61 24.59 7.58
C ASN A 97 6.75 25.32 8.91
N THR A 98 5.82 26.21 9.21
CA THR A 98 5.85 26.94 10.48
C THR A 98 5.69 25.95 11.63
N SER A 99 4.90 24.89 11.38
CA SER A 99 4.70 23.87 12.41
C SER A 99 5.76 22.77 12.28
N MET A 100 6.03 22.36 11.04
CA MET A 100 7.00 21.29 10.82
C MET A 100 8.40 21.69 11.29
N SER A 101 8.75 22.97 11.18
CA SER A 101 10.07 23.42 11.60
C SER A 101 10.25 23.40 13.13
N ARG A 102 9.16 23.16 13.86
CA ARG A 102 9.24 23.10 15.31
C ARG A 102 9.40 21.65 15.77
N TYR A 103 9.57 20.75 14.82
CA TYR A 103 9.76 19.33 15.11
C TYR A 103 10.99 19.14 15.98
N ASP A 104 10.88 18.28 16.99
CA ASP A 104 11.99 18.00 17.90
C ASP A 104 12.47 16.56 17.70
N ALA A 105 13.60 16.43 17.00
CA ALA A 105 14.17 15.12 16.71
C ALA A 105 14.51 14.28 17.95
N ASN A 106 14.64 14.93 19.10
CA ASN A 106 14.95 14.21 20.33
C ASN A 106 13.70 13.73 21.06
N LYS A 107 12.54 14.14 20.56
CA LYS A 107 11.25 13.76 21.13
C LYS A 107 10.27 13.83 19.94
N PRO A 108 10.39 12.89 19.00
CA PRO A 108 9.57 12.80 17.79
C PRO A 108 8.06 12.79 18.01
N ALA A 109 7.60 12.16 19.08
CA ALA A 109 6.17 12.08 19.32
C ALA A 109 5.87 11.63 20.75
N THR A 110 4.59 11.51 21.06
CA THR A 110 4.17 11.08 22.39
C THR A 110 3.54 9.70 22.29
N TYR A 111 3.97 8.79 23.15
CA TYR A 111 3.47 7.42 23.16
C TYR A 111 1.98 7.28 23.43
N ALA A 112 1.36 6.37 22.71
CA ALA A 112 -0.06 6.05 22.89
C ALA A 112 -0.16 4.57 22.54
N PRO A 113 -0.85 3.79 23.38
CA PRO A 113 -0.99 2.36 23.09
C PRO A 113 -1.98 2.04 21.99
N GLU A 114 -1.82 0.86 21.40
CA GLU A 114 -2.72 0.36 20.37
C GLU A 114 -3.55 -0.72 21.06
N PHE A 115 -4.81 -0.87 20.67
CA PHE A 115 -5.67 -1.87 21.28
C PHE A 115 -6.24 -2.85 20.27
N GLN A 116 -6.59 -4.04 20.75
CA GLN A 116 -7.12 -5.10 19.89
C GLN A 116 -8.63 -5.02 19.61
N ASP A 117 -9.28 -3.97 20.11
CA ASP A 117 -10.70 -3.77 19.85
C ASP A 117 -10.97 -2.28 19.74
N PRO A 118 -11.70 -1.87 18.71
CA PRO A 118 -12.02 -0.46 18.51
C PRO A 118 -12.73 0.21 19.68
N SER A 119 -13.41 -0.59 20.51
CA SER A 119 -14.14 -0.02 21.64
C SER A 119 -13.22 0.50 22.76
N LYS A 120 -11.93 0.20 22.65
CA LYS A 120 -10.96 0.64 23.64
C LYS A 120 -10.44 2.05 23.35
N TYR A 121 -10.80 2.59 22.19
CA TYR A 121 -10.36 3.94 21.82
C TYR A 121 -11.42 4.96 22.24
N PRO A 122 -11.03 6.23 22.43
CA PRO A 122 -9.68 6.81 22.28
C PRO A 122 -8.56 6.28 23.17
N SER A 123 -7.36 6.25 22.59
CA SER A 123 -6.17 5.79 23.30
C SER A 123 -5.54 6.98 24.03
N PRO A 124 -5.17 6.78 25.30
CA PRO A 124 -4.57 7.86 26.09
C PRO A 124 -3.08 8.10 25.84
N LEU A 125 -2.72 9.35 25.57
CA LEU A 125 -1.32 9.71 25.35
C LEU A 125 -0.62 9.67 26.71
N ASP A 126 0.61 9.19 26.73
CA ASP A 126 1.36 9.10 27.98
C ASP A 126 2.76 9.68 27.79
N THR A 127 2.97 10.91 28.26
CA THR A 127 4.28 11.56 28.12
C THR A 127 5.40 10.90 28.92
N SER A 128 5.06 10.00 29.85
CA SER A 128 6.10 9.37 30.67
C SER A 128 6.75 8.14 30.03
N GLN A 129 6.14 7.62 28.98
CA GLN A 129 6.71 6.46 28.29
C GLN A 129 7.84 6.89 27.36
N PRO A 130 8.93 6.11 27.31
CA PRO A 130 10.11 6.39 26.48
C PRO A 130 9.83 6.51 24.99
N VAL A 131 10.57 7.40 24.34
CA VAL A 131 10.49 7.61 22.90
C VAL A 131 11.92 7.90 22.47
N GLY A 132 12.38 7.21 21.42
CA GLY A 132 13.75 7.37 20.96
C GLY A 132 14.03 8.61 20.15
N ARG A 133 15.27 8.71 19.65
CA ARG A 133 15.70 9.85 18.85
C ARG A 133 15.67 9.55 17.37
N ASP A 134 15.29 10.56 16.59
CA ASP A 134 15.20 10.49 15.13
C ASP A 134 16.56 10.88 14.57
N PRO A 135 17.30 9.93 13.97
CA PRO A 135 18.62 10.23 13.41
C PRO A 135 18.67 10.74 11.97
N ILE A 136 17.55 10.70 11.25
CA ILE A 136 17.60 11.14 9.87
C ILE A 136 17.03 12.52 9.56
N ASN A 137 16.24 13.09 10.46
CA ASN A 137 15.65 14.39 10.20
C ASN A 137 16.69 15.46 9.85
N SER A 138 17.79 15.51 10.59
CA SER A 138 18.83 16.50 10.31
C SER A 138 19.42 16.31 8.93
N GLN A 139 19.47 15.05 8.48
CA GLN A 139 19.99 14.72 7.16
C GLN A 139 19.10 15.29 6.07
N LEU A 140 17.78 15.15 6.27
CA LEU A 140 16.79 15.61 5.31
C LEU A 140 16.64 17.13 5.23
N THR A 141 16.58 17.79 6.39
CA THR A 141 16.43 19.24 6.40
C THR A 141 17.66 19.89 5.77
N SER A 142 18.83 19.32 6.03
CA SER A 142 20.07 19.85 5.48
C SER A 142 20.15 19.70 3.96
N ALA A 143 19.68 18.56 3.45
CA ALA A 143 19.72 18.29 2.03
C ALA A 143 18.66 19.01 1.21
N TYR A 144 17.45 19.13 1.76
CA TYR A 144 16.36 19.75 1.03
C TYR A 144 15.93 21.15 1.46
N GLY A 145 16.48 21.63 2.57
CA GLY A 145 16.15 22.97 3.04
C GLY A 145 14.74 23.23 3.52
N THR A 146 14.08 22.20 4.03
CA THR A 146 12.71 22.35 4.54
C THR A 146 12.44 21.26 5.56
N SER A 147 11.44 21.48 6.41
CA SER A 147 11.06 20.49 7.42
C SER A 147 9.84 19.69 6.96
N MET A 148 9.30 20.04 5.80
CA MET A 148 8.14 19.33 5.26
C MET A 148 8.61 17.97 4.73
N LEU A 149 7.72 16.98 4.75
CA LEU A 149 8.09 15.65 4.26
C LEU A 149 7.60 15.44 2.84
N TYR A 150 8.41 14.79 2.03
CA TYR A 150 8.04 14.54 0.65
C TYR A 150 7.68 13.07 0.45
N GLY A 151 6.40 12.77 0.69
CA GLY A 151 5.90 11.41 0.54
C GLY A 151 4.42 11.51 0.25
N MET A 152 3.83 10.48 -0.33
CA MET A 152 2.41 10.51 -0.64
C MET A 152 1.52 10.11 0.54
N HIS A 153 0.45 10.87 0.77
CA HIS A 153 -0.51 10.51 1.80
C HIS A 153 -1.24 9.36 1.09
N TRP A 154 -1.65 8.33 1.82
CA TRP A 154 -2.22 7.15 1.18
C TRP A 154 -3.63 7.13 0.59
N ILE A 155 -4.53 7.99 1.06
CA ILE A 155 -5.88 7.95 0.53
C ILE A 155 -6.43 9.35 0.27
N LEU A 156 -7.19 9.50 -0.80
CA LEU A 156 -7.72 10.82 -1.18
C LEU A 156 -9.17 10.78 -1.64
N ASP A 157 -10.00 11.68 -1.14
CA ASP A 157 -11.40 11.77 -1.54
C ASP A 157 -11.41 12.67 -2.78
N VAL A 158 -11.18 12.05 -3.93
CA VAL A 158 -11.06 12.72 -5.22
C VAL A 158 -12.14 13.74 -5.61
N ASP A 159 -13.41 13.39 -5.47
CA ASP A 159 -14.46 14.34 -5.82
C ASP A 159 -15.21 14.91 -4.64
N ASN A 160 -14.56 14.89 -3.48
CA ASN A 160 -15.13 15.44 -2.24
C ASN A 160 -16.50 14.85 -1.94
N TRP A 161 -16.61 13.52 -2.04
CA TRP A 161 -17.86 12.83 -1.79
C TRP A 161 -18.26 12.93 -0.32
N TYR A 162 -17.28 12.97 0.57
CA TYR A 162 -17.56 13.07 1.99
C TYR A 162 -17.92 14.49 2.43
N GLY A 163 -17.48 15.48 1.66
CA GLY A 163 -17.81 16.86 1.99
C GLY A 163 -16.88 17.65 2.89
N PHE A 164 -15.70 17.11 3.21
CA PHE A 164 -14.78 17.85 4.07
C PHE A 164 -14.06 18.96 3.30
N GLY A 165 -13.98 18.81 1.98
CA GLY A 165 -13.33 19.80 1.15
C GLY A 165 -11.83 19.87 1.41
N ALA A 166 -11.23 21.00 1.07
CA ALA A 166 -9.79 21.19 1.27
C ALA A 166 -9.53 22.15 2.42
N ARG A 167 -8.74 21.69 3.38
CA ARG A 167 -8.41 22.48 4.57
C ARG A 167 -9.66 23.09 5.20
N ALA A 168 -10.65 22.21 5.39
CA ALA A 168 -11.92 22.55 6.02
C ALA A 168 -12.89 23.50 5.29
N ASP A 169 -12.70 23.71 4.00
CA ASP A 169 -13.62 24.61 3.29
C ASP A 169 -14.89 23.90 2.83
N GLY A 170 -14.90 22.58 2.97
CA GLY A 170 -16.04 21.76 2.60
C GLY A 170 -16.53 21.77 1.15
N THR A 171 -15.88 22.53 0.28
CA THR A 171 -16.30 22.60 -1.11
C THR A 171 -15.28 22.20 -2.18
N SER A 172 -14.00 22.37 -1.88
CA SER A 172 -12.94 22.05 -2.83
C SER A 172 -12.64 20.57 -2.99
N LYS A 173 -12.08 20.22 -4.14
CA LYS A 173 -11.70 18.85 -4.45
C LYS A 173 -10.29 18.92 -5.04
N PRO A 174 -9.45 17.90 -4.79
CA PRO A 174 -9.73 16.70 -3.99
C PRO A 174 -9.61 17.01 -2.50
N SER A 175 -10.03 16.05 -1.67
CA SER A 175 -10.02 16.24 -0.23
C SER A 175 -9.19 15.18 0.50
N TYR A 176 -8.20 15.61 1.26
CA TYR A 176 -7.36 14.70 2.03
C TYR A 176 -8.17 14.15 3.21
N ILE A 177 -8.29 12.84 3.28
CA ILE A 177 -9.02 12.18 4.37
C ILE A 177 -8.23 10.98 4.87
N ASN A 178 -8.67 10.42 5.99
CA ASN A 178 -8.06 9.21 6.53
C ASN A 178 -9.20 8.40 7.12
N THR A 179 -8.98 7.09 7.26
CA THR A 179 -10.00 6.22 7.80
C THR A 179 -9.50 5.38 8.98
N PHE A 180 -8.75 4.32 8.69
CA PHE A 180 -8.21 3.43 9.73
C PHE A 180 -7.45 4.17 10.83
N GLN A 181 -7.84 3.93 12.08
CA GLN A 181 -7.19 4.58 13.21
C GLN A 181 -7.25 3.72 14.48
N ARG A 182 -8.19 2.79 14.53
CA ARG A 182 -8.38 2.01 15.75
C ARG A 182 -7.98 0.54 15.85
N GLY A 183 -6.76 0.21 15.45
CA GLY A 183 -6.28 -1.16 15.62
C GLY A 183 -6.60 -2.26 14.63
N GLU A 184 -6.05 -3.44 14.93
CA GLU A 184 -6.18 -4.63 14.10
C GLU A 184 -7.60 -5.14 13.85
N GLN A 185 -8.53 -4.80 14.72
CA GLN A 185 -9.90 -5.28 14.54
C GLN A 185 -10.81 -4.26 13.84
N GLU A 186 -10.26 -3.11 13.49
CA GLU A 186 -11.09 -2.11 12.82
C GLU A 186 -11.04 -2.37 11.31
N SER A 187 -12.05 -3.06 10.79
CA SER A 187 -12.10 -3.35 9.36
C SER A 187 -12.53 -2.08 8.64
N THR A 188 -12.56 -2.16 7.31
N THR A 188 -12.54 -2.13 7.31
CA THR A 188 -12.95 -1.04 6.47
CA THR A 188 -12.95 -0.99 6.50
C THR A 188 -14.39 -0.63 6.81
C THR A 188 -14.40 -0.61 6.83
N TRP A 189 -15.17 -1.58 7.31
CA TRP A 189 -16.57 -1.33 7.65
C TRP A 189 -16.79 -0.69 9.02
N GLU A 190 -15.74 -0.62 9.84
CA GLU A 190 -15.86 -0.08 11.19
C GLU A 190 -15.17 1.24 11.46
N THR A 191 -14.78 1.94 10.40
CA THR A 191 -14.10 3.22 10.54
C THR A 191 -15.06 4.40 10.55
N ILE A 192 -14.51 5.56 10.91
CA ILE A 192 -15.25 6.81 10.91
C ILE A 192 -14.36 7.74 10.08
N PRO A 193 -14.69 7.91 8.79
CA PRO A 193 -13.91 8.78 7.91
C PRO A 193 -13.70 10.16 8.52
N GLN A 194 -12.47 10.64 8.47
CA GLN A 194 -12.14 11.93 9.05
C GLN A 194 -11.23 12.75 8.13
N PRO A 195 -11.22 14.09 8.31
CA PRO A 195 -10.36 14.93 7.46
C PRO A 195 -8.94 14.94 8.00
N CYS A 196 -7.96 15.03 7.09
CA CYS A 196 -6.57 15.10 7.52
C CYS A 196 -6.33 16.43 8.21
N TRP A 197 -6.97 17.46 7.69
CA TRP A 197 -6.86 18.82 8.23
C TRP A 197 -8.10 19.02 9.11
N ASP A 198 -7.91 18.93 10.42
CA ASP A 198 -9.02 19.04 11.35
C ASP A 198 -9.06 20.34 12.13
N GLU A 199 -9.94 21.24 11.71
CA GLU A 199 -10.13 22.53 12.37
C GLU A 199 -11.36 22.52 13.27
N HIS A 200 -11.87 21.33 13.57
CA HIS A 200 -13.04 21.19 14.42
C HIS A 200 -14.33 21.67 13.76
N LYS A 201 -14.28 21.92 12.46
CA LYS A 201 -15.46 22.42 11.73
C LYS A 201 -16.49 21.34 11.45
N PHE A 202 -16.04 20.10 11.40
CA PHE A 202 -16.93 18.97 11.13
C PHE A 202 -16.77 17.93 12.21
N GLY A 203 -17.78 17.07 12.35
CA GLY A 203 -17.73 16.03 13.36
C GLY A 203 -18.30 16.51 14.68
N GLY A 204 -17.50 16.39 15.73
CA GLY A 204 -17.95 16.81 17.04
C GLY A 204 -17.36 18.12 17.51
N GLN A 205 -17.47 18.36 18.82
CA GLN A 205 -16.96 19.57 19.45
C GLN A 205 -15.49 19.86 19.11
N TYR A 206 -14.68 18.81 19.03
CA TYR A 206 -13.26 18.96 18.71
C TYR A 206 -12.95 18.15 17.45
N GLY A 207 -13.83 18.27 16.46
CA GLY A 207 -13.64 17.53 15.22
C GLY A 207 -13.79 16.05 15.46
N PHE A 208 -12.87 15.26 14.92
CA PHE A 208 -12.91 13.81 15.08
C PHE A 208 -11.75 13.34 15.97
N LEU A 209 -10.93 14.29 16.40
CA LEU A 209 -9.75 13.99 17.20
C LEU A 209 -9.92 13.15 18.47
N ASP A 210 -10.90 13.49 19.30
CA ASP A 210 -11.07 12.74 20.54
C ASP A 210 -11.76 11.37 20.40
N LEU A 211 -11.90 10.92 19.16
CA LEU A 211 -12.46 9.60 18.91
C LEU A 211 -11.29 8.62 18.93
N PHE A 212 -10.11 9.13 18.64
CA PHE A 212 -8.90 8.29 18.52
C PHE A 212 -7.82 8.46 19.58
N THR A 213 -7.59 9.71 19.99
N THR A 213 -7.59 9.71 20.00
CA THR A 213 -6.58 10.02 20.99
CA THR A 213 -6.58 9.98 21.00
C THR A 213 -7.19 10.80 22.14
C THR A 213 -7.19 10.78 22.14
N LYS A 214 -6.76 10.49 23.36
CA LYS A 214 -7.26 11.16 24.55
C LYS A 214 -6.06 11.86 25.18
N ASP A 215 -6.12 13.18 25.19
CA ASP A 215 -5.04 13.98 25.76
C ASP A 215 -5.45 14.63 27.07
N THR A 216 -4.46 15.14 27.80
CA THR A 216 -4.70 15.79 29.07
C THR A 216 -5.66 16.97 28.90
N GLY A 217 -5.31 17.90 28.04
CA GLY A 217 -6.15 19.05 27.81
C GLY A 217 -7.01 19.01 26.56
N THR A 218 -7.46 20.18 26.14
CA THR A 218 -8.31 20.34 24.96
C THR A 218 -7.55 19.99 23.68
N PRO A 219 -8.16 19.21 22.79
CA PRO A 219 -7.55 18.81 21.51
C PRO A 219 -7.33 20.04 20.63
N ALA A 220 -6.10 20.24 20.16
CA ALA A 220 -5.81 21.39 19.31
C ALA A 220 -6.20 21.13 17.86
N LYS A 221 -6.36 22.20 17.08
CA LYS A 221 -6.67 22.05 15.67
C LYS A 221 -5.36 21.54 15.07
N GLN A 222 -5.41 20.48 14.29
CA GLN A 222 -4.19 19.89 13.75
C GLN A 222 -4.38 19.12 12.45
N PHE A 223 -3.26 18.84 11.79
CA PHE A 223 -3.27 18.08 10.55
C PHE A 223 -2.46 16.81 10.78
N LYS A 224 -2.71 15.79 9.97
N LYS A 224 -2.72 15.78 9.97
CA LYS A 224 -1.98 14.53 10.08
CA LYS A 224 -2.01 14.52 10.07
C LYS A 224 -2.10 13.77 8.77
C LYS A 224 -2.09 13.77 8.75
N TYR A 225 -0.98 13.21 8.32
CA TYR A 225 -0.94 12.46 7.06
C TYR A 225 -0.31 11.10 7.33
N THR A 226 -0.65 10.11 6.51
CA THR A 226 -0.13 8.77 6.68
C THR A 226 0.32 8.20 5.34
N ASN A 227 1.55 7.72 5.32
CA ASN A 227 2.17 7.16 4.13
C ASN A 227 1.95 5.64 4.01
N ALA A 228 1.93 5.16 2.77
CA ALA A 228 1.82 3.74 2.47
C ALA A 228 3.14 3.46 1.77
N PRO A 229 4.16 3.03 2.53
CA PRO A 229 5.50 2.75 1.98
C PRO A 229 5.57 1.91 0.70
N ASP A 230 4.72 0.90 0.57
CA ASP A 230 4.77 0.06 -0.63
C ASP A 230 4.45 0.86 -1.88
N ALA A 231 3.56 1.85 -1.74
CA ALA A 231 3.18 2.70 -2.86
C ALA A 231 4.34 3.60 -3.29
N ASP A 232 4.97 4.26 -2.32
CA ASP A 232 6.09 5.14 -2.63
C ASP A 232 7.26 4.34 -3.22
N ALA A 233 7.47 3.11 -2.74
CA ALA A 233 8.54 2.26 -3.27
C ALA A 233 8.24 1.87 -4.72
N ARG A 234 6.96 1.63 -5.03
CA ARG A 234 6.58 1.26 -6.39
C ARG A 234 6.81 2.45 -7.33
N ALA A 235 6.65 3.67 -6.81
CA ALA A 235 6.87 4.86 -7.63
C ALA A 235 8.34 4.93 -8.04
N VAL A 236 9.24 4.54 -7.12
CA VAL A 236 10.67 4.55 -7.41
C VAL A 236 10.95 3.49 -8.47
N GLN A 237 10.41 2.30 -8.26
CA GLN A 237 10.55 1.18 -9.18
C GLN A 237 10.11 1.56 -10.60
N ALA A 238 8.93 2.17 -10.70
CA ALA A 238 8.39 2.59 -11.99
C ALA A 238 9.25 3.67 -12.66
N THR A 239 9.78 4.57 -11.85
CA THR A 239 10.58 5.66 -12.38
C THR A 239 11.92 5.18 -12.90
N TYR A 240 12.47 4.16 -12.26
CA TYR A 240 13.74 3.58 -12.72
C TYR A 240 13.56 3.05 -14.15
N TRP A 241 12.51 2.28 -14.35
CA TRP A 241 12.26 1.73 -15.68
C TRP A 241 11.99 2.82 -16.70
N ALA A 242 11.29 3.88 -16.29
CA ALA A 242 11.00 4.99 -17.19
C ALA A 242 12.33 5.62 -17.64
N ASP A 243 13.24 5.78 -16.68
CA ASP A 243 14.54 6.36 -16.96
C ASP A 243 15.33 5.49 -17.93
N GLN A 244 15.37 4.18 -17.67
CA GLN A 244 16.08 3.25 -18.53
C GLN A 244 15.52 3.25 -19.96
N TRP A 245 14.20 3.15 -20.07
CA TRP A 245 13.55 3.12 -21.38
C TRP A 245 13.67 4.44 -22.13
N ALA A 246 13.68 5.55 -21.39
CA ALA A 246 13.81 6.85 -22.01
C ALA A 246 15.20 7.00 -22.61
N LYS A 247 16.23 6.61 -21.86
CA LYS A 247 17.60 6.71 -22.34
C LYS A 247 17.90 5.82 -23.54
N GLU A 248 17.21 4.70 -23.65
CA GLU A 248 17.42 3.81 -24.79
C GLU A 248 16.94 4.49 -26.06
N GLN A 249 16.16 5.54 -25.90
CA GLN A 249 15.60 6.28 -27.03
C GLN A 249 16.08 7.73 -27.15
N GLY A 250 17.11 8.08 -26.40
CA GLY A 250 17.62 9.44 -26.46
C GLY A 250 16.67 10.46 -25.82
N LYS A 251 15.74 9.97 -25.01
CA LYS A 251 14.79 10.84 -24.32
C LYS A 251 15.21 10.99 -22.86
N SER A 252 14.56 11.87 -22.13
CA SER A 252 14.91 12.09 -20.73
C SER A 252 13.73 12.39 -19.82
N VAL A 253 13.76 11.84 -18.61
CA VAL A 253 12.71 12.09 -17.61
C VAL A 253 13.43 12.53 -16.34
N SER A 254 14.51 13.29 -16.53
CA SER A 254 15.34 13.79 -15.45
C SER A 254 14.58 14.39 -14.29
N THR A 255 13.65 15.29 -14.59
CA THR A 255 12.85 15.94 -13.57
C THR A 255 12.11 14.93 -12.69
N SER A 256 11.53 13.91 -13.31
CA SER A 256 10.81 12.89 -12.56
C SER A 256 11.75 12.02 -11.73
N VAL A 257 12.95 11.78 -12.24
CA VAL A 257 13.94 10.99 -11.52
C VAL A 257 14.26 11.69 -10.20
N GLY A 258 14.40 13.02 -10.26
CA GLY A 258 14.72 13.79 -9.07
C GLY A 258 13.63 13.68 -8.01
N LYS A 259 12.38 13.71 -8.45
CA LYS A 259 11.26 13.58 -7.53
C LYS A 259 11.26 12.20 -6.87
N ALA A 260 11.47 11.16 -7.68
CA ALA A 260 11.49 9.79 -7.17
C ALA A 260 12.62 9.60 -6.15
N THR A 261 13.77 10.19 -6.44
CA THR A 261 14.92 10.06 -5.55
C THR A 261 14.66 10.75 -4.23
N LYS A 262 14.01 11.91 -4.28
CA LYS A 262 13.71 12.64 -3.05
C LYS A 262 12.70 11.83 -2.23
N MET A 263 11.70 11.28 -2.90
CA MET A 263 10.67 10.48 -2.23
C MET A 263 11.32 9.27 -1.54
N GLY A 264 12.28 8.65 -2.22
CA GLY A 264 12.97 7.51 -1.64
C GLY A 264 13.82 7.86 -0.44
N ASP A 265 14.27 9.11 -0.38
CA ASP A 265 15.09 9.59 0.72
C ASP A 265 14.20 9.68 1.96
N TYR A 266 13.02 10.27 1.78
CA TYR A 266 12.06 10.40 2.90
C TYR A 266 11.43 9.06 3.28
N LEU A 267 11.33 8.15 2.32
CA LEU A 267 10.74 6.84 2.57
C LEU A 267 11.47 6.09 3.68
N ARG A 268 12.70 6.51 3.97
CA ARG A 268 13.49 5.85 5.02
C ARG A 268 12.82 5.94 6.39
N TYR A 269 11.84 6.84 6.56
CA TYR A 269 11.17 6.94 7.84
C TYR A 269 10.43 5.64 8.17
N SER A 270 10.11 4.85 7.15
CA SER A 270 9.41 3.59 7.37
C SER A 270 10.35 2.53 7.95
N PHE A 271 11.64 2.83 7.98
CA PHE A 271 12.64 1.90 8.51
C PHE A 271 12.67 1.87 10.04
N PHE A 272 12.01 2.83 10.68
CA PHE A 272 12.04 2.93 12.15
C PHE A 272 10.84 2.49 12.95
N ASP A 273 11.13 2.03 14.16
CA ASP A 273 10.10 1.61 15.10
C ASP A 273 9.16 2.81 15.29
N LYS A 274 7.88 2.54 15.51
CA LYS A 274 6.90 3.60 15.68
C LYS A 274 7.34 4.74 16.58
N TYR A 275 7.80 4.43 17.79
CA TYR A 275 8.24 5.46 18.72
C TYR A 275 9.75 5.45 18.93
N PHE A 276 10.45 4.99 17.91
CA PHE A 276 11.90 4.90 17.91
C PHE A 276 12.49 4.12 19.07
N ARG A 277 11.86 3.00 19.41
CA ARG A 277 12.36 2.12 20.47
C ARG A 277 13.40 1.20 19.83
N LYS A 278 14.35 0.72 20.62
CA LYS A 278 15.38 -0.16 20.08
C LYS A 278 14.78 -1.46 19.54
N ILE A 279 15.26 -1.89 18.38
CA ILE A 279 14.78 -3.12 17.77
C ILE A 279 15.29 -4.31 18.59
N GLY A 280 14.37 -5.16 19.05
CA GLY A 280 14.77 -6.31 19.84
C GLY A 280 14.75 -6.06 21.34
N GLN A 281 14.71 -4.78 21.72
CA GLN A 281 14.67 -4.39 23.13
C GLN A 281 13.68 -3.23 23.20
N PRO A 282 12.40 -3.53 22.93
CA PRO A 282 11.27 -2.59 22.92
C PRO A 282 11.05 -1.69 24.14
N SER A 283 11.49 -2.12 25.32
CA SER A 283 11.30 -1.30 26.51
C SER A 283 12.27 -0.12 26.58
N GLN A 284 13.32 -0.16 25.76
CA GLN A 284 14.31 0.91 25.76
C GLN A 284 14.22 1.89 24.59
N ALA A 285 14.41 3.17 24.92
CA ALA A 285 14.38 4.23 23.92
C ALA A 285 15.63 4.12 23.05
N GLY A 286 15.46 4.29 21.73
CA GLY A 286 16.59 4.22 20.84
C GLY A 286 17.46 5.46 20.89
N THR A 287 18.71 5.33 20.45
CA THR A 287 19.63 6.46 20.44
C THR A 287 19.95 6.86 19.01
N GLY A 288 19.20 6.31 18.06
CA GLY A 288 19.43 6.64 16.67
C GLY A 288 19.08 5.47 15.77
N TYR A 289 20.07 4.97 15.06
CA TYR A 289 19.86 3.85 14.16
C TYR A 289 19.60 2.50 14.84
N ASP A 290 19.74 2.44 16.16
CA ASP A 290 19.47 1.17 16.82
C ASP A 290 17.95 0.93 16.88
N ALA A 291 17.19 1.92 16.42
CA ALA A 291 15.72 1.83 16.38
C ALA A 291 15.24 1.54 14.97
N ALA A 292 16.18 1.27 14.07
CA ALA A 292 15.83 0.98 12.69
C ALA A 292 15.86 -0.51 12.40
N HIS A 293 14.76 -1.02 11.87
CA HIS A 293 14.67 -2.43 11.50
C HIS A 293 15.04 -2.56 10.03
N TYR A 294 15.09 -1.42 9.34
CA TYR A 294 15.46 -1.36 7.92
C TYR A 294 14.53 -2.07 6.95
N LEU A 295 13.28 -2.27 7.36
CA LEU A 295 12.30 -2.91 6.49
C LEU A 295 11.26 -1.84 6.17
N LEU A 296 10.49 -2.06 5.11
CA LEU A 296 9.43 -1.13 4.75
C LEU A 296 8.25 -1.51 5.63
N SER A 297 8.07 -0.77 6.73
CA SER A 297 6.98 -1.06 7.67
C SER A 297 5.64 -0.63 7.09
N TRP A 298 4.58 -0.86 7.85
CA TRP A 298 3.23 -0.53 7.36
C TRP A 298 3.00 0.95 7.06
N TYR A 299 3.77 1.82 7.70
CA TYR A 299 3.59 3.25 7.48
C TYR A 299 4.56 4.10 8.28
N TYR A 300 4.51 5.40 7.96
CA TYR A 300 5.22 6.41 8.71
C TYR A 300 4.18 7.50 8.60
N ALA A 301 4.04 8.31 9.65
CA ALA A 301 3.04 9.35 9.63
C ALA A 301 3.58 10.59 10.28
N TRP A 302 2.92 11.72 10.01
CA TRP A 302 3.35 12.98 10.59
C TRP A 302 2.20 13.95 10.68
N GLY A 303 2.36 14.96 11.53
CA GLY A 303 1.32 15.94 11.70
C GLY A 303 1.79 17.09 12.56
N GLY A 304 0.91 18.04 12.83
CA GLY A 304 1.28 19.16 13.66
C GLY A 304 0.12 20.13 13.87
N GLY A 305 0.37 21.18 14.63
CA GLY A 305 -0.67 22.15 14.91
C GLY A 305 -1.03 23.05 13.76
N ILE A 306 -2.30 23.48 13.72
CA ILE A 306 -2.79 24.37 12.69
C ILE A 306 -2.79 25.81 13.17
N ASP A 307 -3.15 26.01 14.43
CA ASP A 307 -3.18 27.36 15.02
C ASP A 307 -2.11 27.56 16.09
N SER A 308 -1.22 26.57 16.22
CA SER A 308 -0.11 26.62 17.16
C SER A 308 1.01 25.81 16.51
N THR A 309 2.26 26.20 16.76
CA THR A 309 3.40 25.54 16.13
C THR A 309 4.05 24.39 16.90
N TRP A 310 3.88 23.18 16.35
CA TRP A 310 4.44 21.96 16.91
C TRP A 310 4.18 20.84 15.90
N SER A 311 4.99 19.80 15.94
CA SER A 311 4.81 18.68 15.01
C SER A 311 5.38 17.39 15.58
N TRP A 312 5.06 16.29 14.90
CA TRP A 312 5.51 14.97 15.31
C TRP A 312 5.64 14.05 14.10
N ILE A 313 6.43 13.00 14.24
CA ILE A 313 6.63 12.02 13.18
C ILE A 313 6.76 10.64 13.84
N ILE A 314 6.17 9.62 13.21
CA ILE A 314 6.28 8.27 13.74
C ILE A 314 6.55 7.31 12.59
N GLY A 315 7.24 6.22 12.90
CA GLY A 315 7.49 5.20 11.89
C GLY A 315 6.45 4.14 12.17
N SER A 316 6.83 2.87 12.09
CA SER A 316 5.92 1.76 12.37
C SER A 316 6.70 0.54 12.83
N SER A 317 6.18 -0.14 13.84
CA SER A 317 6.82 -1.32 14.40
C SER A 317 6.42 -2.61 13.69
N HIS A 318 5.34 -2.54 12.91
CA HIS A 318 4.81 -3.71 12.22
C HIS A 318 5.31 -3.85 10.78
N ASN A 319 5.83 -5.05 10.46
CA ASN A 319 6.35 -5.31 9.13
C ASN A 319 5.68 -6.50 8.45
N HIS A 320 5.31 -6.30 7.19
CA HIS A 320 4.63 -7.32 6.40
C HIS A 320 5.49 -7.57 5.16
N PHE A 321 5.71 -8.85 4.81
CA PHE A 321 6.52 -9.16 3.64
C PHE A 321 5.92 -8.56 2.36
N GLY A 322 4.60 -8.41 2.34
CA GLY A 322 3.94 -7.89 1.15
C GLY A 322 4.30 -6.45 0.78
N TYR A 323 4.84 -5.72 1.74
CA TYR A 323 5.21 -4.33 1.50
C TYR A 323 6.66 -4.13 1.04
N GLN A 324 7.48 -5.16 1.18
CA GLN A 324 8.88 -5.05 0.82
C GLN A 324 9.13 -4.81 -0.67
N ASN A 325 10.26 -4.18 -0.98
CA ASN A 325 10.63 -3.91 -2.36
C ASN A 325 12.15 -3.87 -2.48
N PRO A 326 12.77 -5.05 -2.68
CA PRO A 326 14.22 -5.17 -2.81
C PRO A 326 14.74 -4.46 -4.06
N PHE A 327 13.90 -4.37 -5.08
CA PHE A 327 14.30 -3.71 -6.32
C PHE A 327 14.50 -2.21 -6.09
N ALA A 328 13.54 -1.58 -5.43
CA ALA A 328 13.65 -0.16 -5.15
C ALA A 328 14.88 0.10 -4.29
N ALA A 329 15.14 -0.81 -3.35
CA ALA A 329 16.29 -0.68 -2.47
C ALA A 329 17.60 -0.78 -3.26
N TRP A 330 17.62 -1.66 -4.26
CA TRP A 330 18.80 -1.84 -5.10
C TRP A 330 19.05 -0.57 -5.91
N VAL A 331 17.97 -0.01 -6.47
CA VAL A 331 18.06 1.20 -7.28
C VAL A 331 18.64 2.38 -6.50
N LEU A 332 18.06 2.65 -5.34
CA LEU A 332 18.48 3.77 -4.51
C LEU A 332 19.86 3.62 -3.87
N SER A 333 20.34 2.38 -3.77
CA SER A 333 21.65 2.17 -3.17
C SER A 333 22.75 1.92 -4.18
N THR A 334 22.42 1.65 -5.44
CA THR A 334 23.47 1.38 -6.42
C THR A 334 23.49 2.24 -7.67
N ASP A 335 22.33 2.70 -8.13
CA ASP A 335 22.30 3.51 -9.34
C ASP A 335 22.64 4.97 -9.05
N ALA A 336 23.69 5.48 -9.68
CA ALA A 336 24.14 6.85 -9.47
C ALA A 336 23.09 7.91 -9.80
N ASN A 337 22.23 7.61 -10.77
CA ASN A 337 21.17 8.56 -11.16
C ASN A 337 20.11 8.69 -10.09
N PHE A 338 19.97 7.67 -9.24
CA PHE A 338 18.98 7.68 -8.17
C PHE A 338 19.60 7.78 -6.76
N LYS A 339 20.78 8.36 -6.66
CA LYS A 339 21.44 8.49 -5.36
C LYS A 339 20.80 9.63 -4.57
N PRO A 340 20.23 9.32 -3.40
CA PRO A 340 19.60 10.34 -2.56
C PRO A 340 20.58 11.42 -2.15
N LYS A 341 20.12 12.67 -2.09
CA LYS A 341 20.98 13.79 -1.72
C LYS A 341 21.44 13.76 -0.26
N SER A 342 20.68 13.10 0.62
CA SER A 342 21.05 13.05 2.03
C SER A 342 22.37 12.32 2.23
N SER A 343 23.04 12.60 3.33
CA SER A 343 24.32 11.97 3.61
C SER A 343 24.28 10.44 3.69
N ASN A 344 23.28 9.89 4.37
CA ASN A 344 23.19 8.44 4.52
C ASN A 344 22.11 7.74 3.70
N GLY A 345 21.46 8.49 2.80
CA GLY A 345 20.41 7.89 1.98
C GLY A 345 20.77 6.58 1.29
N ALA A 346 21.79 6.63 0.45
CA ALA A 346 22.23 5.44 -0.31
C ALA A 346 22.68 4.28 0.57
N SER A 347 23.44 4.58 1.63
CA SER A 347 23.94 3.54 2.52
C SER A 347 22.83 2.88 3.35
N ASP A 348 21.82 3.64 3.74
CA ASP A 348 20.72 3.07 4.51
C ASP A 348 19.94 2.09 3.62
N TRP A 349 19.74 2.48 2.36
CA TRP A 349 19.03 1.62 1.43
C TRP A 349 19.82 0.35 1.12
N ALA A 350 21.14 0.44 1.24
CA ALA A 350 22.01 -0.72 0.99
C ALA A 350 21.74 -1.72 2.11
N LYS A 351 21.65 -1.22 3.33
CA LYS A 351 21.38 -2.07 4.49
C LYS A 351 19.99 -2.67 4.41
N SER A 352 19.03 -1.89 3.90
CA SER A 352 17.66 -2.36 3.77
C SER A 352 17.57 -3.51 2.76
N LEU A 353 18.27 -3.38 1.64
CA LEU A 353 18.24 -4.43 0.63
C LEU A 353 18.65 -5.78 1.24
N ASP A 354 19.74 -5.79 2.01
CA ASP A 354 20.19 -7.03 2.63
C ASP A 354 19.22 -7.53 3.68
N ARG A 355 18.69 -6.62 4.50
CA ARG A 355 17.75 -6.97 5.54
C ARG A 355 16.43 -7.50 4.96
N GLN A 356 15.97 -6.88 3.88
CA GLN A 356 14.74 -7.32 3.25
C GLN A 356 14.84 -8.75 2.74
N LEU A 357 15.93 -9.08 2.06
CA LEU A 357 16.11 -10.43 1.52
C LEU A 357 16.21 -11.47 2.63
N GLU A 358 16.71 -11.08 3.79
CA GLU A 358 16.80 -11.99 4.92
C GLU A 358 15.38 -12.22 5.43
N PHE A 359 14.59 -11.15 5.43
CA PHE A 359 13.20 -11.20 5.90
C PHE A 359 12.37 -12.17 5.06
N TYR A 360 12.46 -12.06 3.74
CA TYR A 360 11.72 -12.94 2.84
C TYR A 360 12.05 -14.41 3.11
N GLN A 361 13.35 -14.71 3.17
CA GLN A 361 13.80 -16.09 3.39
C GLN A 361 13.33 -16.65 4.72
N TRP A 362 13.40 -15.84 5.78
CA TRP A 362 12.97 -16.27 7.10
C TRP A 362 11.50 -16.66 7.07
N LEU A 363 10.71 -15.96 6.26
CA LEU A 363 9.28 -16.21 6.17
C LEU A 363 8.83 -17.25 5.14
N GLN A 364 9.77 -17.84 4.41
CA GLN A 364 9.38 -18.82 3.39
C GLN A 364 8.97 -20.16 4.00
N SER A 365 7.70 -20.52 3.79
CA SER A 365 7.14 -21.75 4.32
C SER A 365 7.75 -23.00 3.69
N ALA A 366 7.45 -24.15 4.27
CA ALA A 366 7.95 -25.42 3.76
C ALA A 366 7.53 -25.59 2.29
N GLU A 367 6.32 -25.15 1.96
CA GLU A 367 5.82 -25.26 0.59
C GLU A 367 6.41 -24.25 -0.38
N GLY A 368 6.64 -23.03 0.09
CA GLY A 368 7.21 -22.01 -0.79
C GLY A 368 6.60 -20.63 -0.64
N ALA A 369 5.35 -20.56 -0.21
CA ALA A 369 4.67 -19.28 -0.02
C ALA A 369 5.34 -18.52 1.14
N ILE A 370 5.27 -17.20 1.09
CA ILE A 370 5.88 -16.36 2.12
C ILE A 370 4.89 -15.99 3.23
N ALA A 371 5.29 -16.21 4.49
CA ALA A 371 4.44 -15.92 5.64
C ALA A 371 4.36 -14.43 5.96
N GLY A 372 3.47 -14.09 6.90
CA GLY A 372 3.20 -12.71 7.30
C GLY A 372 4.31 -11.69 7.54
N GLY A 373 4.93 -11.74 8.71
CA GLY A 373 5.98 -10.80 9.02
C GLY A 373 6.34 -10.80 10.49
N ALA A 374 6.70 -9.63 11.02
CA ALA A 374 7.09 -9.52 12.42
C ALA A 374 6.82 -8.11 12.95
N THR A 375 6.91 -7.95 14.26
CA THR A 375 6.67 -6.67 14.89
C THR A 375 7.65 -6.43 16.03
N ASN A 376 7.98 -5.18 16.30
CA ASN A 376 8.87 -4.86 17.40
C ASN A 376 8.02 -4.37 18.57
N SER A 377 6.70 -4.35 18.38
CA SER A 377 5.77 -3.91 19.41
C SER A 377 4.66 -4.94 19.59
N TRP A 378 4.87 -5.92 20.47
CA TRP A 378 3.87 -6.95 20.69
C TRP A 378 2.56 -6.35 21.17
N ASN A 379 1.47 -6.68 20.48
CA ASN A 379 0.15 -6.16 20.80
C ASN A 379 0.08 -4.64 20.66
N GLY A 380 1.09 -4.07 20.00
CA GLY A 380 1.11 -2.63 19.80
C GLY A 380 1.32 -1.84 21.08
N ARG A 381 1.83 -2.50 22.11
CA ARG A 381 2.07 -1.83 23.39
C ARG A 381 3.43 -2.24 23.96
N TYR A 382 4.31 -2.73 23.09
CA TYR A 382 5.64 -3.16 23.49
C TYR A 382 5.60 -4.14 24.65
N GLU A 383 4.65 -5.08 24.59
CA GLU A 383 4.54 -6.08 25.66
C GLU A 383 5.57 -7.17 25.43
N ALA A 384 5.71 -8.06 26.41
CA ALA A 384 6.67 -9.14 26.31
C ALA A 384 6.26 -10.15 25.24
N VAL A 385 7.21 -10.57 24.43
CA VAL A 385 6.93 -11.55 23.39
C VAL A 385 6.82 -12.90 24.06
N PRO A 386 5.67 -13.57 23.92
CA PRO A 386 5.45 -14.88 24.53
C PRO A 386 6.60 -15.84 24.21
N SER A 387 7.01 -16.63 25.19
CA SER A 387 8.09 -17.59 24.98
C SER A 387 7.64 -18.60 23.93
N GLY A 388 8.58 -19.09 23.14
CA GLY A 388 8.23 -20.05 22.11
C GLY A 388 7.95 -19.38 20.78
N THR A 389 7.72 -18.07 20.82
CA THR A 389 7.45 -17.31 19.60
C THR A 389 8.75 -17.05 18.86
N SER A 390 8.82 -17.43 17.59
CA SER A 390 10.02 -17.22 16.80
C SER A 390 10.26 -15.74 16.56
N THR A 391 11.53 -15.37 16.41
CA THR A 391 11.88 -13.98 16.22
C THR A 391 12.82 -13.74 15.05
N PHE A 392 12.85 -12.48 14.60
CA PHE A 392 13.70 -12.03 13.50
C PHE A 392 14.37 -10.77 14.05
N TYR A 393 15.65 -10.88 14.38
CA TYR A 393 16.39 -9.75 14.94
C TYR A 393 15.67 -9.20 16.17
N GLY A 394 15.10 -10.11 16.97
CA GLY A 394 14.41 -9.70 18.17
C GLY A 394 12.93 -9.38 18.01
N MET A 395 12.46 -9.31 16.77
CA MET A 395 11.06 -9.02 16.51
C MET A 395 10.26 -10.32 16.42
N GLY A 396 9.12 -10.35 17.11
CA GLY A 396 8.29 -11.54 17.10
C GLY A 396 7.48 -11.77 15.84
N TYR A 397 7.44 -13.02 15.41
CA TYR A 397 6.69 -13.40 14.22
C TYR A 397 5.19 -13.18 14.43
N VAL A 398 4.54 -12.65 13.39
N VAL A 398 4.54 -12.66 13.39
CA VAL A 398 3.10 -12.42 13.45
CA VAL A 398 3.10 -12.41 13.44
C VAL A 398 2.49 -12.92 12.14
C VAL A 398 2.48 -12.91 12.14
N GLU A 399 1.53 -13.83 12.26
CA GLU A 399 0.87 -14.42 11.10
C GLU A 399 0.16 -13.40 10.19
N ASN A 400 -0.54 -12.46 10.79
CA ASN A 400 -1.27 -11.43 10.04
C ASN A 400 -0.95 -10.07 10.61
N PRO A 401 0.16 -9.46 10.15
CA PRO A 401 0.60 -8.15 10.61
C PRO A 401 -0.44 -7.05 10.44
N VAL A 402 -0.53 -6.18 11.45
CA VAL A 402 -1.42 -5.01 11.43
C VAL A 402 -2.94 -5.21 11.45
N TYR A 403 -3.48 -6.01 10.53
CA TYR A 403 -4.93 -6.21 10.47
C TYR A 403 -5.38 -7.66 10.60
N ALA A 404 -6.52 -7.86 11.27
CA ALA A 404 -7.04 -9.21 11.46
C ALA A 404 -8.48 -9.36 10.97
N ASP A 405 -9.07 -8.30 10.44
CA ASP A 405 -10.45 -8.34 9.97
C ASP A 405 -10.59 -7.77 8.55
N PRO A 406 -10.25 -8.57 7.52
CA PRO A 406 -9.73 -9.94 7.58
C PRO A 406 -8.21 -9.97 7.75
N GLY A 407 -7.65 -11.15 7.96
CA GLY A 407 -6.20 -11.27 8.14
C GLY A 407 -5.41 -10.69 6.97
N SER A 408 -4.45 -9.82 7.29
CA SER A 408 -3.63 -9.17 6.26
C SER A 408 -2.86 -10.12 5.35
N ASN A 409 -2.64 -11.36 5.77
CA ASN A 409 -1.93 -12.29 4.89
C ASN A 409 -2.77 -13.49 4.47
N THR A 410 -4.08 -13.29 4.35
CA THR A 410 -4.97 -14.36 3.91
C THR A 410 -5.36 -14.14 2.44
N TRP A 411 -4.87 -13.05 1.85
CA TRP A 411 -5.14 -12.73 0.45
C TRP A 411 -3.92 -13.09 -0.39
N PHE A 412 -4.13 -13.87 -1.43
CA PHE A 412 -3.04 -14.31 -2.31
C PHE A 412 -2.28 -13.16 -2.95
N GLY A 413 -2.97 -12.04 -3.17
CA GLY A 413 -2.36 -10.89 -3.79
C GLY A 413 -1.02 -10.43 -3.23
N MET A 414 -0.85 -10.48 -1.92
CA MET A 414 0.40 -10.06 -1.31
C MET A 414 1.57 -10.89 -1.83
N GLN A 415 1.30 -12.16 -2.13
CA GLN A 415 2.34 -13.05 -2.64
C GLN A 415 2.94 -12.55 -3.96
N VAL A 416 2.09 -12.25 -4.93
CA VAL A 416 2.56 -11.80 -6.24
C VAL A 416 3.06 -10.37 -6.29
N TRP A 417 2.37 -9.46 -5.60
CA TRP A 417 2.83 -8.07 -5.59
C TRP A 417 4.27 -7.97 -5.07
N SER A 418 4.58 -8.70 -4.01
CA SER A 418 5.90 -8.65 -3.42
C SER A 418 6.96 -9.47 -4.16
N MET A 419 6.63 -10.71 -4.54
CA MET A 419 7.60 -11.55 -5.25
C MET A 419 7.93 -11.01 -6.64
N GLN A 420 7.01 -10.20 -7.18
CA GLN A 420 7.23 -9.61 -8.50
C GLN A 420 8.47 -8.72 -8.45
N ARG A 421 8.66 -8.05 -7.31
CA ARG A 421 9.81 -7.15 -7.12
C ARG A 421 11.10 -7.95 -6.99
N VAL A 422 11.00 -9.11 -6.35
CA VAL A 422 12.16 -9.97 -6.19
C VAL A 422 12.54 -10.50 -7.58
N ALA A 423 11.54 -10.80 -8.41
CA ALA A 423 11.79 -11.29 -9.76
C ALA A 423 12.50 -10.21 -10.59
N GLU A 424 12.13 -8.94 -10.41
CA GLU A 424 12.79 -7.88 -11.14
C GLU A 424 14.26 -7.77 -10.71
N LEU A 425 14.50 -7.92 -9.40
CA LEU A 425 15.86 -7.85 -8.87
C LEU A 425 16.71 -8.98 -9.44
N TYR A 426 16.16 -10.19 -9.40
CA TYR A 426 16.85 -11.38 -9.91
C TYR A 426 17.17 -11.24 -11.39
N TYR A 427 16.23 -10.71 -12.15
CA TYR A 427 16.43 -10.50 -13.58
C TYR A 427 17.55 -9.51 -13.86
N LYS A 428 17.62 -8.45 -13.07
CA LYS A 428 18.64 -7.42 -13.26
C LYS A 428 20.03 -7.73 -12.74
N THR A 429 20.11 -8.41 -11.61
CA THR A 429 21.38 -8.71 -10.99
C THR A 429 21.75 -10.18 -10.87
N GLY A 430 20.78 -11.06 -11.07
CA GLY A 430 21.04 -12.48 -10.96
C GLY A 430 21.41 -12.84 -9.53
N ASP A 431 21.04 -11.99 -8.58
CA ASP A 431 21.34 -12.21 -7.16
C ASP A 431 20.92 -13.61 -6.66
N ALA A 432 21.88 -14.33 -6.10
CA ALA A 432 21.66 -15.69 -5.59
C ALA A 432 20.56 -15.81 -4.53
N ARG A 433 20.45 -14.83 -3.65
CA ARG A 433 19.42 -14.86 -2.62
C ARG A 433 18.05 -14.83 -3.27
N ALA A 434 17.92 -13.98 -4.28
CA ALA A 434 16.65 -13.84 -5.00
C ALA A 434 16.32 -15.13 -5.75
N LYS A 435 17.32 -15.73 -6.39
CA LYS A 435 17.11 -16.97 -7.13
C LYS A 435 16.56 -18.07 -6.23
N LYS A 436 17.22 -18.27 -5.09
CA LYS A 436 16.80 -19.29 -4.15
C LYS A 436 15.35 -19.11 -3.71
N LEU A 437 14.96 -17.87 -3.44
CA LEU A 437 13.59 -17.59 -3.03
C LEU A 437 12.60 -17.93 -4.15
N LEU A 438 12.89 -17.44 -5.35
CA LEU A 438 12.04 -17.65 -6.51
C LEU A 438 11.92 -19.10 -6.96
N ASP A 439 13.02 -19.83 -6.97
CA ASP A 439 12.98 -21.24 -7.40
C ASP A 439 11.93 -22.01 -6.61
N LYS A 440 11.93 -21.84 -5.29
CA LYS A 440 10.98 -22.56 -4.46
C LYS A 440 9.56 -22.00 -4.56
N TRP A 441 9.43 -20.68 -4.56
CA TRP A 441 8.12 -20.05 -4.64
C TRP A 441 7.44 -20.37 -5.98
N ALA A 442 8.19 -20.21 -7.07
CA ALA A 442 7.65 -20.48 -8.39
C ALA A 442 7.18 -21.93 -8.52
N LYS A 443 7.95 -22.86 -7.98
CA LYS A 443 7.57 -24.27 -8.07
C LYS A 443 6.25 -24.48 -7.31
N TRP A 444 6.07 -23.73 -6.23
CA TRP A 444 4.85 -23.86 -5.45
C TRP A 444 3.65 -23.35 -6.24
N ILE A 445 3.72 -22.10 -6.69
CA ILE A 445 2.63 -21.49 -7.43
C ILE A 445 2.30 -22.16 -8.76
N ASN A 446 3.32 -22.60 -9.50
CA ASN A 446 3.05 -23.26 -10.77
C ASN A 446 2.22 -24.52 -10.58
N GLY A 447 2.25 -25.08 -9.37
CA GLY A 447 1.48 -26.27 -9.10
C GLY A 447 0.09 -25.95 -8.58
N GLU A 448 -0.23 -24.67 -8.46
CA GLU A 448 -1.54 -24.25 -7.96
C GLU A 448 -2.39 -23.54 -9.01
N ILE A 449 -1.89 -23.44 -10.23
CA ILE A 449 -2.63 -22.78 -11.30
C ILE A 449 -3.48 -23.81 -12.02
N LYS A 450 -4.78 -23.56 -12.14
CA LYS A 450 -5.68 -24.51 -12.80
C LYS A 450 -6.32 -23.94 -14.06
N PHE A 451 -6.10 -24.59 -15.19
CA PHE A 451 -6.67 -24.16 -16.46
C PHE A 451 -7.83 -25.08 -16.86
N ASN A 452 -8.98 -24.49 -17.16
CA ASN A 452 -10.16 -25.27 -17.54
C ASN A 452 -10.26 -25.45 -19.06
N ALA A 453 -11.05 -26.43 -19.48
CA ALA A 453 -11.24 -26.75 -20.89
C ALA A 453 -11.89 -25.62 -21.68
N ASP A 454 -12.75 -24.84 -21.01
CA ASP A 454 -13.44 -23.74 -21.68
C ASP A 454 -12.60 -22.47 -21.81
N GLY A 455 -11.34 -22.53 -21.37
CA GLY A 455 -10.49 -21.37 -21.48
C GLY A 455 -10.36 -20.53 -20.23
N THR A 456 -11.20 -20.81 -19.23
CA THR A 456 -11.15 -20.05 -17.98
C THR A 456 -10.07 -20.65 -17.10
N PHE A 457 -9.77 -19.99 -15.98
CA PHE A 457 -8.74 -20.49 -15.07
C PHE A 457 -9.00 -20.10 -13.63
N GLN A 458 -8.22 -20.70 -12.73
CA GLN A 458 -8.32 -20.41 -11.31
C GLN A 458 -6.93 -20.41 -10.68
N ILE A 459 -6.76 -19.57 -9.67
CA ILE A 459 -5.50 -19.48 -8.94
C ILE A 459 -5.88 -19.30 -7.47
N PRO A 460 -4.92 -19.49 -6.54
CA PRO A 460 -5.27 -19.32 -5.13
C PRO A 460 -5.89 -17.94 -4.88
N SER A 461 -6.85 -17.88 -3.97
CA SER A 461 -7.51 -16.63 -3.64
C SER A 461 -7.32 -16.33 -2.15
N THR A 462 -7.89 -17.19 -1.32
CA THR A 462 -7.78 -17.05 0.12
C THR A 462 -6.86 -18.16 0.61
N ILE A 463 -5.92 -17.81 1.47
CA ILE A 463 -4.99 -18.80 2.01
C ILE A 463 -4.96 -18.72 3.53
N ASP A 464 -4.45 -19.76 4.17
CA ASP A 464 -4.38 -19.81 5.62
C ASP A 464 -3.02 -20.35 6.03
N TRP A 465 -2.68 -20.23 7.31
CA TRP A 465 -1.39 -20.67 7.78
C TRP A 465 -1.40 -21.49 9.06
N GLU A 466 -0.33 -22.26 9.23
CA GLU A 466 -0.15 -23.11 10.41
C GLU A 466 1.32 -23.12 10.82
N GLY A 467 1.56 -23.01 12.12
CA GLY A 467 2.92 -23.03 12.63
C GLY A 467 3.62 -21.69 12.52
N GLN A 468 4.94 -21.71 12.62
CA GLN A 468 5.73 -20.50 12.53
C GLN A 468 7.11 -20.83 12.01
N PRO A 469 7.84 -19.82 11.52
CA PRO A 469 9.19 -20.07 11.00
C PRO A 469 10.14 -20.31 12.17
N ASP A 470 11.31 -20.87 11.88
CA ASP A 470 12.29 -21.11 12.93
C ASP A 470 12.97 -19.76 13.20
N THR A 471 13.35 -19.52 14.45
CA THR A 471 14.02 -18.27 14.80
C THR A 471 15.17 -18.03 13.82
N TRP A 472 15.27 -16.81 13.31
CA TRP A 472 16.30 -16.47 12.34
C TRP A 472 17.71 -16.32 12.92
N ASN A 473 18.65 -17.03 12.31
CA ASN A 473 20.06 -16.97 12.70
C ASN A 473 20.79 -16.57 11.42
N PRO A 474 21.16 -15.30 11.29
CA PRO A 474 21.86 -14.75 10.12
C PRO A 474 23.02 -15.60 9.60
N THR A 475 23.68 -16.32 10.50
CA THR A 475 24.81 -17.15 10.10
C THR A 475 24.36 -18.55 9.67
N GLN A 476 23.23 -19.01 10.19
CA GLN A 476 22.70 -20.32 9.85
C GLN A 476 21.96 -20.25 8.52
N GLY A 477 21.11 -19.24 8.38
CA GLY A 477 20.36 -19.08 7.15
C GLY A 477 19.07 -19.88 7.17
N TYR A 478 18.51 -20.09 5.99
CA TYR A 478 17.26 -20.82 5.82
C TYR A 478 17.35 -22.26 6.34
N THR A 479 16.43 -22.61 7.22
CA THR A 479 16.38 -23.96 7.80
C THR A 479 15.38 -24.81 7.02
N GLY A 480 14.55 -24.16 6.23
CA GLY A 480 13.55 -24.87 5.46
C GLY A 480 12.18 -24.72 6.09
N ASN A 481 12.16 -24.25 7.34
CA ASN A 481 10.92 -24.06 8.09
C ASN A 481 9.91 -25.19 7.90
N ALA A 482 10.31 -26.38 8.30
CA ALA A 482 9.48 -27.57 8.19
C ALA A 482 8.16 -27.46 8.95
N ASN A 483 8.10 -26.55 9.92
CA ASN A 483 6.90 -26.40 10.73
C ASN A 483 6.00 -25.22 10.33
N LEU A 484 6.32 -24.59 9.20
CA LEU A 484 5.53 -23.46 8.70
C LEU A 484 4.83 -23.91 7.42
N HIS A 485 3.51 -23.92 7.43
CA HIS A 485 2.75 -24.37 6.28
C HIS A 485 1.66 -23.42 5.79
N VAL A 486 1.52 -23.35 4.48
CA VAL A 486 0.49 -22.53 3.86
C VAL A 486 -0.60 -23.48 3.38
N LYS A 487 -1.84 -23.00 3.39
CA LYS A 487 -2.96 -23.82 2.94
C LYS A 487 -3.85 -22.94 2.06
N VAL A 488 -4.21 -23.45 0.88
CA VAL A 488 -5.07 -22.72 -0.01
C VAL A 488 -6.51 -23.04 0.39
N VAL A 489 -7.21 -22.05 0.91
CA VAL A 489 -8.59 -22.22 1.35
C VAL A 489 -9.55 -22.33 0.17
N ASN A 490 -9.39 -21.43 -0.80
CA ASN A 490 -10.23 -21.46 -1.98
C ASN A 490 -9.57 -20.77 -3.16
N TYR A 491 -10.06 -21.09 -4.36
CA TYR A 491 -9.53 -20.52 -5.58
C TYR A 491 -10.48 -19.52 -6.21
N GLY A 492 -9.97 -18.70 -7.10
CA GLY A 492 -10.79 -17.70 -7.74
C GLY A 492 -10.15 -17.26 -9.03
N THR A 493 -10.75 -16.25 -9.66
CA THR A 493 -10.24 -15.73 -10.91
C THR A 493 -10.03 -14.23 -10.80
N ASP A 494 -9.20 -13.83 -9.84
CA ASP A 494 -8.90 -12.41 -9.63
C ASP A 494 -7.94 -12.00 -10.74
N LEU A 495 -8.45 -11.19 -11.67
CA LEU A 495 -7.66 -10.74 -12.81
C LEU A 495 -6.45 -9.88 -12.44
N GLY A 496 -6.56 -9.14 -11.34
CA GLY A 496 -5.44 -8.32 -10.92
C GLY A 496 -4.30 -9.20 -10.44
N CYS A 497 -4.63 -10.17 -9.58
CA CYS A 497 -3.62 -11.09 -9.04
C CYS A 497 -3.03 -11.96 -10.15
N ALA A 498 -3.88 -12.39 -11.08
CA ALA A 498 -3.42 -13.22 -12.19
C ALA A 498 -2.42 -12.45 -13.05
N SER A 499 -2.67 -11.16 -13.25
CA SER A 499 -1.76 -10.34 -14.05
C SER A 499 -0.41 -10.16 -13.35
N SER A 500 -0.46 -9.91 -12.04
CA SER A 500 0.76 -9.74 -11.26
C SER A 500 1.54 -11.05 -11.26
N LEU A 501 0.82 -12.18 -11.20
CA LEU A 501 1.45 -13.49 -11.22
C LEU A 501 2.15 -13.70 -12.57
N ALA A 502 1.47 -13.34 -13.66
CA ALA A 502 2.05 -13.49 -14.99
C ALA A 502 3.33 -12.67 -15.07
N ASN A 503 3.29 -11.45 -14.56
CA ASN A 503 4.43 -10.53 -14.55
C ASN A 503 5.61 -11.20 -13.85
N THR A 504 5.36 -11.67 -12.63
CA THR A 504 6.37 -12.33 -11.81
C THR A 504 7.00 -13.53 -12.52
N LEU A 505 6.16 -14.38 -13.11
CA LEU A 505 6.65 -15.56 -13.80
C LEU A 505 7.46 -15.22 -15.06
N THR A 506 7.11 -14.11 -15.70
CA THR A 506 7.81 -13.70 -16.91
C THR A 506 9.24 -13.26 -16.60
N TYR A 507 9.42 -12.40 -15.60
CA TYR A 507 10.75 -11.95 -15.23
C TYR A 507 11.60 -13.13 -14.75
N TYR A 508 10.99 -14.03 -13.98
CA TYR A 508 11.70 -15.20 -13.47
C TYR A 508 12.11 -16.12 -14.62
N ALA A 509 11.17 -16.42 -15.51
CA ALA A 509 11.44 -17.30 -16.63
C ALA A 509 12.52 -16.73 -17.53
N ALA A 510 12.45 -15.43 -17.80
CA ALA A 510 13.43 -14.76 -18.65
C ALA A 510 14.86 -14.97 -18.18
N LYS A 511 15.05 -14.91 -16.86
CA LYS A 511 16.38 -15.07 -16.28
C LYS A 511 16.77 -16.53 -16.01
N SER A 512 15.83 -17.32 -15.50
CA SER A 512 16.11 -18.71 -15.15
C SER A 512 15.98 -19.69 -16.30
N GLY A 513 15.20 -19.34 -17.31
CA GLY A 513 15.00 -20.23 -18.44
C GLY A 513 13.95 -21.30 -18.16
N ASP A 514 13.25 -21.16 -17.03
CA ASP A 514 12.21 -22.12 -16.66
C ASP A 514 11.03 -22.05 -17.65
N GLU A 515 10.88 -23.08 -18.46
CA GLU A 515 9.82 -23.13 -19.44
C GLU A 515 8.43 -23.20 -18.83
N THR A 516 8.32 -23.94 -17.72
CA THR A 516 7.03 -24.09 -17.04
C THR A 516 6.47 -22.72 -16.66
N SER A 517 7.34 -21.87 -16.11
CA SER A 517 6.92 -20.53 -15.71
C SER A 517 6.56 -19.66 -16.90
N ARG A 518 7.34 -19.75 -17.97
CA ARG A 518 7.05 -18.94 -19.16
C ARG A 518 5.71 -19.31 -19.79
N GLN A 519 5.47 -20.60 -20.01
CA GLN A 519 4.23 -21.00 -20.64
C GLN A 519 3.01 -20.71 -19.76
N ASN A 520 3.15 -20.81 -18.45
CA ASN A 520 2.03 -20.50 -17.57
C ASN A 520 1.74 -19.00 -17.63
N ALA A 521 2.80 -18.20 -17.67
CA ALA A 521 2.64 -16.75 -17.75
C ALA A 521 1.91 -16.39 -19.04
N GLN A 522 2.30 -17.01 -20.15
CA GLN A 522 1.66 -16.72 -21.43
C GLN A 522 0.21 -17.23 -21.48
N LYS A 523 -0.04 -18.39 -20.87
CA LYS A 523 -1.38 -18.94 -20.86
C LYS A 523 -2.34 -18.05 -20.05
N LEU A 524 -1.83 -17.46 -18.98
CA LEU A 524 -2.65 -16.57 -18.17
C LEU A 524 -3.00 -15.32 -18.98
N LEU A 525 -1.99 -14.70 -19.57
CA LEU A 525 -2.21 -13.51 -20.37
C LEU A 525 -3.21 -13.77 -21.50
N ASP A 526 -3.03 -14.88 -22.21
CA ASP A 526 -3.92 -15.23 -23.32
C ASP A 526 -5.35 -15.51 -22.86
N ALA A 527 -5.49 -16.27 -21.78
CA ALA A 527 -6.81 -16.59 -21.25
C ALA A 527 -7.57 -15.33 -20.88
N MET A 528 -6.88 -14.39 -20.21
CA MET A 528 -7.53 -13.16 -19.81
C MET A 528 -7.93 -12.31 -21.02
N TRP A 529 -7.05 -12.24 -22.01
CA TRP A 529 -7.33 -11.46 -23.20
C TRP A 529 -8.49 -12.04 -24.02
N ASN A 530 -8.46 -13.34 -24.22
CA ASN A 530 -9.51 -13.98 -25.02
C ASN A 530 -10.85 -14.18 -24.33
N ASN A 531 -10.85 -14.45 -23.04
CA ASN A 531 -12.13 -14.72 -22.36
C ASN A 531 -12.67 -13.70 -21.37
N TYR A 532 -11.89 -12.68 -21.03
CA TYR A 532 -12.37 -11.70 -20.06
C TYR A 532 -12.32 -10.24 -20.52
N SER A 533 -12.14 -10.02 -21.81
CA SER A 533 -12.08 -8.66 -22.34
C SER A 533 -13.45 -8.03 -22.47
N ASP A 534 -13.54 -6.73 -22.21
CA ASP A 534 -14.78 -5.99 -22.40
C ASP A 534 -14.40 -4.60 -22.90
N SER A 535 -15.38 -3.74 -23.16
CA SER A 535 -15.07 -2.42 -23.69
C SER A 535 -14.24 -1.52 -22.79
N LYS A 536 -14.15 -1.84 -21.50
CA LYS A 536 -13.39 -1.00 -20.58
C LYS A 536 -12.06 -1.59 -20.14
N GLY A 537 -11.75 -2.78 -20.63
CA GLY A 537 -10.51 -3.45 -20.27
C GLY A 537 -10.82 -4.92 -20.11
N ILE A 538 -10.69 -5.43 -18.89
CA ILE A 538 -11.01 -6.83 -18.62
C ILE A 538 -11.79 -6.88 -17.31
N SER A 539 -12.63 -7.90 -17.16
CA SER A 539 -13.42 -8.03 -15.94
C SER A 539 -14.08 -9.38 -15.87
N THR A 540 -14.66 -9.67 -14.71
CA THR A 540 -15.36 -10.92 -14.50
C THR A 540 -16.33 -10.66 -13.36
N VAL A 541 -17.32 -11.53 -13.21
CA VAL A 541 -18.28 -11.38 -12.13
C VAL A 541 -17.71 -12.01 -10.89
N GLU A 542 -17.74 -11.28 -9.78
CA GLU A 542 -17.21 -11.80 -8.53
C GLU A 542 -18.23 -11.61 -7.41
N GLN A 543 -18.18 -12.49 -6.41
CA GLN A 543 -19.08 -12.38 -5.28
C GLN A 543 -18.50 -11.44 -4.23
N ARG A 544 -19.35 -10.62 -3.65
CA ARG A 544 -18.93 -9.66 -2.62
C ARG A 544 -19.51 -10.17 -1.30
N GLY A 545 -18.84 -11.17 -0.74
CA GLY A 545 -19.27 -11.79 0.50
C GLY A 545 -19.42 -10.95 1.75
N ASP A 546 -18.72 -9.83 1.83
CA ASP A 546 -18.81 -8.97 3.02
C ASP A 546 -19.78 -7.82 2.89
N TYR A 547 -20.45 -7.69 1.75
CA TYR A 547 -21.36 -6.58 1.57
C TYR A 547 -22.55 -6.52 2.54
N HIS A 548 -22.85 -7.63 3.23
CA HIS A 548 -23.95 -7.59 4.19
C HIS A 548 -23.59 -6.61 5.31
N ARG A 549 -22.29 -6.37 5.48
CA ARG A 549 -21.83 -5.46 6.52
C ARG A 549 -22.26 -4.02 6.24
N PHE A 550 -22.67 -3.75 5.00
CA PHE A 550 -23.16 -2.42 4.62
C PHE A 550 -24.29 -2.06 5.59
N LEU A 551 -25.17 -3.03 5.83
CA LEU A 551 -26.33 -2.80 6.69
C LEU A 551 -26.25 -3.30 8.13
N ASP A 552 -25.52 -4.37 8.40
CA ASP A 552 -25.50 -4.87 9.77
C ASP A 552 -24.23 -4.64 10.60
N GLN A 553 -23.27 -3.89 10.06
CA GLN A 553 -22.04 -3.64 10.82
C GLN A 553 -22.20 -2.39 11.69
N GLU A 554 -22.17 -2.58 13.00
CA GLU A 554 -22.28 -1.45 13.91
C GLU A 554 -20.93 -0.76 13.98
N VAL A 555 -20.93 0.56 14.07
CA VAL A 555 -19.70 1.34 14.16
C VAL A 555 -19.57 1.82 15.61
N PHE A 556 -18.40 1.61 16.21
CA PHE A 556 -18.23 2.04 17.60
C PHE A 556 -18.02 3.53 17.75
N VAL A 557 -18.74 4.12 18.69
CA VAL A 557 -18.64 5.54 19.00
C VAL A 557 -18.62 5.62 20.53
N PRO A 558 -17.63 6.33 21.11
CA PRO A 558 -17.52 6.45 22.58
C PRO A 558 -18.80 6.97 23.22
N ALA A 559 -19.06 6.52 24.45
CA ALA A 559 -20.25 6.93 25.19
C ALA A 559 -20.32 8.44 25.34
N GLY A 560 -21.47 9.03 25.04
CA GLY A 560 -21.65 10.46 25.16
C GLY A 560 -21.09 11.30 24.03
N TRP A 561 -20.40 10.66 23.09
CA TRP A 561 -19.82 11.38 21.97
C TRP A 561 -20.85 11.50 20.85
N THR A 562 -21.06 12.71 20.33
CA THR A 562 -21.99 12.90 19.23
C THR A 562 -21.41 13.95 18.29
N GLY A 563 -21.72 13.80 17.00
CA GLY A 563 -21.23 14.74 16.01
C GLY A 563 -21.99 14.55 14.71
N LYS A 564 -21.59 15.27 13.68
CA LYS A 564 -22.25 15.16 12.39
C LYS A 564 -21.25 15.12 11.24
N MET A 565 -21.59 14.36 10.21
CA MET A 565 -20.74 14.30 9.02
C MET A 565 -21.13 15.56 8.26
N PRO A 566 -20.32 15.98 7.29
CA PRO A 566 -20.62 17.19 6.50
C PRO A 566 -22.04 17.24 5.93
N ASN A 567 -22.59 16.09 5.54
CA ASN A 567 -23.93 16.04 4.95
C ASN A 567 -25.06 16.00 5.99
N GLY A 568 -24.71 16.04 7.26
CA GLY A 568 -25.73 16.02 8.29
C GLY A 568 -25.93 14.69 8.99
N ASP A 569 -25.34 13.62 8.47
CA ASP A 569 -25.48 12.31 9.10
C ASP A 569 -25.00 12.38 10.54
N VAL A 570 -25.85 11.97 11.48
CA VAL A 570 -25.49 12.00 12.88
C VAL A 570 -24.59 10.84 13.27
N ILE A 571 -23.51 11.14 13.98
CA ILE A 571 -22.58 10.13 14.45
C ILE A 571 -22.82 9.95 15.95
N LYS A 572 -23.26 8.76 16.32
CA LYS A 572 -23.53 8.47 17.72
C LYS A 572 -23.57 6.97 17.92
N SER A 573 -23.40 6.53 19.16
CA SER A 573 -23.42 5.11 19.47
C SER A 573 -24.63 4.43 18.83
N GLY A 574 -24.41 3.29 18.21
CA GLY A 574 -25.50 2.56 17.58
C GLY A 574 -25.60 2.64 16.07
N VAL A 575 -24.93 3.61 15.46
CA VAL A 575 -24.99 3.76 14.02
C VAL A 575 -24.37 2.58 13.28
N LYS A 576 -24.83 2.36 12.06
CA LYS A 576 -24.31 1.29 11.22
C LYS A 576 -23.43 1.94 10.14
N PHE A 577 -22.70 1.13 9.40
CA PHE A 577 -21.85 1.62 8.33
C PHE A 577 -22.61 2.60 7.43
N ILE A 578 -23.80 2.20 6.99
CA ILE A 578 -24.59 3.03 6.09
C ILE A 578 -25.13 4.33 6.70
N ASP A 579 -25.35 4.34 8.01
CA ASP A 579 -25.89 5.53 8.66
C ASP A 579 -25.04 6.78 8.59
N ILE A 580 -23.72 6.64 8.49
CA ILE A 580 -22.86 7.81 8.38
C ILE A 580 -22.34 8.00 6.96
N ARG A 581 -22.97 7.32 6.01
CA ARG A 581 -22.63 7.41 4.59
C ARG A 581 -23.94 7.30 3.81
N SER A 582 -24.94 8.07 4.24
CA SER A 582 -26.26 8.00 3.59
C SER A 582 -26.29 8.35 2.11
N LYS A 583 -25.26 9.04 1.60
CA LYS A 583 -25.23 9.38 0.19
C LYS A 583 -25.10 8.11 -0.66
N TYR A 584 -24.69 7.00 -0.05
CA TYR A 584 -24.54 5.74 -0.76
C TYR A 584 -25.87 5.25 -1.31
N LYS A 585 -26.97 5.65 -0.68
CA LYS A 585 -28.30 5.23 -1.13
C LYS A 585 -28.68 5.81 -2.48
N GLN A 586 -27.91 6.78 -2.96
CA GLN A 586 -28.19 7.41 -4.25
C GLN A 586 -27.34 6.77 -5.35
N ASP A 587 -26.52 5.80 -5.00
CA ASP A 587 -25.68 5.12 -5.97
C ASP A 587 -26.56 4.27 -6.91
N PRO A 588 -26.26 4.30 -8.23
CA PRO A 588 -27.03 3.54 -9.22
C PRO A 588 -27.17 2.06 -8.89
N GLU A 589 -26.15 1.50 -8.22
CA GLU A 589 -26.16 0.07 -7.86
C GLU A 589 -26.78 -0.24 -6.50
N TRP A 590 -27.11 0.78 -5.73
CA TRP A 590 -27.67 0.56 -4.39
C TRP A 590 -28.88 -0.37 -4.34
N GLN A 591 -29.94 -0.02 -5.07
CA GLN A 591 -31.14 -0.84 -5.09
C GLN A 591 -30.87 -2.29 -5.46
N THR A 592 -29.96 -2.50 -6.41
CA THR A 592 -29.63 -3.85 -6.84
C THR A 592 -28.97 -4.65 -5.72
N MET A 593 -28.00 -4.03 -5.06
N MET A 593 -28.00 -4.03 -5.06
CA MET A 593 -27.28 -4.68 -3.99
CA MET A 593 -27.29 -4.70 -3.98
C MET A 593 -28.22 -5.01 -2.80
C MET A 593 -28.25 -5.02 -2.83
N VAL A 594 -29.04 -4.04 -2.42
CA VAL A 594 -29.98 -4.24 -1.31
C VAL A 594 -31.00 -5.34 -1.62
N ALA A 595 -31.43 -5.41 -2.88
CA ALA A 595 -32.37 -6.44 -3.28
C ALA A 595 -31.77 -7.82 -3.04
N ALA A 596 -30.49 -7.98 -3.40
CA ALA A 596 -29.82 -9.26 -3.22
C ALA A 596 -29.76 -9.65 -1.75
N LEU A 597 -29.37 -8.72 -0.89
CA LEU A 597 -29.28 -9.01 0.53
C LEU A 597 -30.64 -9.40 1.10
N GLN A 598 -31.69 -8.74 0.63
CA GLN A 598 -33.05 -9.00 1.08
C GLN A 598 -33.53 -10.40 0.70
N ALA A 599 -32.94 -10.96 -0.35
CA ALA A 599 -33.32 -12.30 -0.80
C ALA A 599 -32.36 -13.35 -0.24
N GLY A 600 -31.52 -12.92 0.69
CA GLY A 600 -30.56 -13.83 1.29
C GLY A 600 -29.53 -14.33 0.29
N GLN A 601 -29.17 -13.47 -0.66
CA GLN A 601 -28.18 -13.82 -1.68
C GLN A 601 -26.91 -13.00 -1.51
N VAL A 602 -25.81 -13.51 -2.04
CA VAL A 602 -24.54 -12.79 -1.96
C VAL A 602 -24.52 -11.88 -3.17
N PRO A 603 -24.31 -10.56 -2.94
CA PRO A 603 -24.28 -9.65 -4.09
C PRO A 603 -23.11 -9.98 -5.01
N THR A 604 -23.28 -9.70 -6.30
CA THR A 604 -22.22 -9.94 -7.27
C THR A 604 -21.95 -8.63 -7.97
N GLN A 605 -20.72 -8.46 -8.46
CA GLN A 605 -20.34 -7.25 -9.16
C GLN A 605 -19.33 -7.55 -10.25
N ARG A 606 -19.26 -6.66 -11.23
CA ARG A 606 -18.30 -6.76 -12.32
C ARG A 606 -17.53 -5.46 -12.12
N LEU A 607 -16.32 -5.58 -11.60
CA LEU A 607 -15.52 -4.42 -11.28
C LEU A 607 -14.29 -4.13 -12.14
N HIS A 608 -14.04 -2.84 -12.36
CA HIS A 608 -12.89 -2.40 -13.13
C HIS A 608 -12.00 -1.59 -12.18
N ARG A 609 -11.12 -2.28 -11.46
CA ARG A 609 -10.20 -1.64 -10.53
C ARG A 609 -9.04 -1.07 -11.34
N PHE A 610 -8.68 0.18 -11.08
CA PHE A 610 -7.59 0.81 -11.82
C PHE A 610 -6.28 0.05 -11.74
N TRP A 611 -5.89 -0.38 -10.55
CA TRP A 611 -4.64 -1.10 -10.41
C TRP A 611 -4.63 -2.42 -11.16
N ALA A 612 -5.78 -3.10 -11.20
CA ALA A 612 -5.89 -4.38 -11.90
C ALA A 612 -5.76 -4.22 -13.41
N GLN A 613 -6.42 -3.19 -13.96
CA GLN A 613 -6.35 -2.95 -15.39
C GLN A 613 -4.91 -2.60 -15.76
N SER A 614 -4.29 -1.72 -14.98
N SER A 614 -4.30 -1.73 -14.97
CA SER A 614 -2.91 -1.32 -15.23
CA SER A 614 -2.93 -1.31 -15.18
C SER A 614 -1.97 -2.51 -15.09
C SER A 614 -1.98 -2.49 -15.08
N GLU A 615 -2.22 -3.35 -14.08
CA GLU A 615 -1.41 -4.53 -13.87
C GLU A 615 -1.44 -5.42 -15.12
N PHE A 616 -2.63 -5.64 -15.67
CA PHE A 616 -2.76 -6.46 -16.86
C PHE A 616 -2.02 -5.85 -18.04
N ALA A 617 -2.18 -4.53 -18.22
CA ALA A 617 -1.53 -3.83 -19.30
C ALA A 617 -0.01 -4.00 -19.20
N VAL A 618 0.53 -3.70 -18.02
CA VAL A 618 1.96 -3.80 -17.79
C VAL A 618 2.48 -5.22 -18.00
N ALA A 619 1.73 -6.23 -17.55
CA ALA A 619 2.14 -7.61 -17.71
C ALA A 619 2.30 -7.97 -19.20
N ASN A 620 1.42 -7.43 -20.04
CA ASN A 620 1.50 -7.68 -21.48
C ASN A 620 2.78 -7.02 -22.01
N GLY A 621 3.05 -5.80 -21.56
CA GLY A 621 4.24 -5.10 -22.01
C GLY A 621 5.52 -5.81 -21.62
N VAL A 622 5.56 -6.29 -20.38
CA VAL A 622 6.73 -7.01 -19.86
C VAL A 622 6.99 -8.28 -20.66
N TYR A 623 5.93 -9.00 -21.01
CA TYR A 623 6.10 -10.23 -21.77
C TYR A 623 6.60 -9.90 -23.18
N ALA A 624 6.06 -8.84 -23.76
CA ALA A 624 6.47 -8.42 -25.10
C ALA A 624 7.96 -8.08 -25.18
N ILE A 625 8.49 -7.49 -24.12
CA ILE A 625 9.90 -7.11 -24.09
C ILE A 625 10.86 -8.26 -23.78
N LEU A 626 10.47 -9.14 -22.87
CA LEU A 626 11.32 -10.25 -22.47
C LEU A 626 11.27 -11.46 -23.40
N PHE A 627 10.18 -11.59 -24.15
CA PHE A 627 10.03 -12.72 -25.06
C PHE A 627 9.55 -12.22 -26.43
N PRO A 628 10.40 -11.43 -27.12
CA PRO A 628 10.12 -10.85 -28.43
C PRO A 628 9.78 -11.84 -29.53
N ASP A 629 10.15 -13.10 -29.36
CA ASP A 629 9.86 -14.12 -30.36
C ASP A 629 8.90 -15.18 -29.82
#